data_1D81
# 
_entry.id   1D81 
# 
_audit_conform.dict_name       mmcif_pdbx.dic 
_audit_conform.dict_version    5.385 
_audit_conform.dict_location   http://mmcif.pdb.org/dictionaries/ascii/mmcif_pdbx.dic 
# 
loop_
_database_2.database_id 
_database_2.database_code 
_database_2.pdbx_database_accession 
_database_2.pdbx_DOI 
PDB   1D81         pdb_00001d81 10.2210/pdb1d81/pdb 
RCSB  BDLB41       ?            ?                   
WWPDB D_1000172679 ?            ?                   
# 
loop_
_pdbx_audit_revision_history.ordinal 
_pdbx_audit_revision_history.data_content_type 
_pdbx_audit_revision_history.major_revision 
_pdbx_audit_revision_history.minor_revision 
_pdbx_audit_revision_history.revision_date 
1 'Structure model' 1 0 1992-10-15 
2 'Structure model' 1 1 2008-05-22 
3 'Structure model' 1 2 2011-07-13 
4 'Structure model' 1 3 2024-02-07 
# 
_pdbx_audit_revision_details.ordinal             1 
_pdbx_audit_revision_details.revision_ordinal    1 
_pdbx_audit_revision_details.data_content_type   'Structure model' 
_pdbx_audit_revision_details.provider            repository 
_pdbx_audit_revision_details.type                'Initial release' 
_pdbx_audit_revision_details.description         ? 
_pdbx_audit_revision_details.details             ? 
# 
loop_
_pdbx_audit_revision_group.ordinal 
_pdbx_audit_revision_group.revision_ordinal 
_pdbx_audit_revision_group.data_content_type 
_pdbx_audit_revision_group.group 
1 2 'Structure model' 'Version format compliance' 
2 3 'Structure model' 'Version format compliance' 
3 4 'Structure model' 'Data collection'           
4 4 'Structure model' 'Database references'       
# 
loop_
_pdbx_audit_revision_category.ordinal 
_pdbx_audit_revision_category.revision_ordinal 
_pdbx_audit_revision_category.data_content_type 
_pdbx_audit_revision_category.category 
1 4 'Structure model' chem_comp_atom 
2 4 'Structure model' chem_comp_bond 
3 4 'Structure model' database_2     
# 
loop_
_pdbx_audit_revision_item.ordinal 
_pdbx_audit_revision_item.revision_ordinal 
_pdbx_audit_revision_item.data_content_type 
_pdbx_audit_revision_item.item 
1 4 'Structure model' '_database_2.pdbx_DOI'                
2 4 'Structure model' '_database_2.pdbx_database_accession' 
# 
_pdbx_database_status.status_code                     REL 
_pdbx_database_status.entry_id                        1D81 
_pdbx_database_status.recvd_initial_deposition_date   1992-07-07 
_pdbx_database_status.deposit_site                    BNL 
_pdbx_database_status.process_site                    NDB 
_pdbx_database_status.SG_entry                        . 
_pdbx_database_status.pdb_format_compatible           Y 
_pdbx_database_status.status_code_mr                  ? 
_pdbx_database_status.status_code_sf                  ? 
_pdbx_database_status.status_code_cs                  ? 
_pdbx_database_status.status_code_nmr_data            ? 
_pdbx_database_status.methods_development_category    ? 
# 
loop_
_audit_author.name 
_audit_author.pdbx_ordinal 
'Leonard, G.A.' 1 
'Booth, E.D.'   2 
'Hunter, W.N.'  3 
'Brown, T.'     4 
# 
_citation.id                        primary 
_citation.title                     
'The conformational variability of an adenosine.inosine base-pair in a synthetic DNA dodecamer.' 
_citation.journal_abbrev            'Nucleic Acids Res.' 
_citation.journal_volume            20 
_citation.page_first                4753 
_citation.page_last                 4759 
_citation.year                      1992 
_citation.journal_id_ASTM           NARHAD 
_citation.country                   UK 
_citation.journal_id_ISSN           0305-1048 
_citation.journal_id_CSD            0389 
_citation.book_publisher            ? 
_citation.pdbx_database_id_PubMed   1408788 
_citation.pdbx_database_id_DOI      10.1093/nar/20.18.4753 
# 
loop_
_citation_author.citation_id 
_citation_author.name 
_citation_author.ordinal 
_citation_author.identifier_ORCID 
primary 'Leonard, G.A.' 1 ? 
primary 'Booth, E.D.'   2 ? 
primary 'Hunter, W.N.'  3 ? 
primary 'Brown, T.'     4 ? 
# 
loop_
_entity.id 
_entity.type 
_entity.src_method 
_entity.pdbx_description 
_entity.formula_weight 
_entity.pdbx_number_of_molecules 
_entity.pdbx_ec 
_entity.pdbx_mutation 
_entity.pdbx_fragment 
_entity.details 
1 polymer syn 
;DNA (5'-D(*CP*GP*CP*AP*AP*AP*TP*TP*IP*GP*CP*G)-3')
;
3672.403 2  ? ? ? ? 
2 water   nat water                                                18.015   71 ? ? ? ? 
# 
_entity_poly.entity_id                      1 
_entity_poly.type                           polydeoxyribonucleotide 
_entity_poly.nstd_linkage                   no 
_entity_poly.nstd_monomer                   no 
_entity_poly.pdbx_seq_one_letter_code       '(DC)(DG)(DC)(DA)(DA)(DA)(DT)(DT)(DI)(DG)(DC)(DG)' 
_entity_poly.pdbx_seq_one_letter_code_can   CGCAAATTIGCG 
_entity_poly.pdbx_strand_id                 A,B 
_entity_poly.pdbx_target_identifier         ? 
# 
_pdbx_entity_nonpoly.entity_id   2 
_pdbx_entity_nonpoly.name        water 
_pdbx_entity_nonpoly.comp_id     HOH 
# 
loop_
_entity_poly_seq.entity_id 
_entity_poly_seq.num 
_entity_poly_seq.mon_id 
_entity_poly_seq.hetero 
1 1  DC n 
1 2  DG n 
1 3  DC n 
1 4  DA n 
1 5  DA n 
1 6  DA n 
1 7  DT n 
1 8  DT n 
1 9  DI n 
1 10 DG n 
1 11 DC n 
1 12 DG n 
# 
loop_
_chem_comp.id 
_chem_comp.type 
_chem_comp.mon_nstd_flag 
_chem_comp.name 
_chem_comp.pdbx_synonyms 
_chem_comp.formula 
_chem_comp.formula_weight 
DA  'DNA linking' y "2'-DEOXYADENOSINE-5'-MONOPHOSPHATE" ? 'C10 H14 N5 O6 P' 331.222 
DC  'DNA linking' y "2'-DEOXYCYTIDINE-5'-MONOPHOSPHATE"  ? 'C9 H14 N3 O7 P'  307.197 
DG  'DNA linking' y "2'-DEOXYGUANOSINE-5'-MONOPHOSPHATE" ? 'C10 H14 N5 O7 P' 347.221 
DI  'DNA linking' y "2'-DEOXYINOSINE-5'-MONOPHOSPHATE"   ? 'C10 H13 N4 O7 P' 332.207 
DT  'DNA linking' y "THYMIDINE-5'-MONOPHOSPHATE"         ? 'C10 H15 N2 O8 P' 322.208 
HOH non-polymer   . WATER                                ? 'H2 O'            18.015  
# 
loop_
_pdbx_poly_seq_scheme.asym_id 
_pdbx_poly_seq_scheme.entity_id 
_pdbx_poly_seq_scheme.seq_id 
_pdbx_poly_seq_scheme.mon_id 
_pdbx_poly_seq_scheme.ndb_seq_num 
_pdbx_poly_seq_scheme.pdb_seq_num 
_pdbx_poly_seq_scheme.auth_seq_num 
_pdbx_poly_seq_scheme.pdb_mon_id 
_pdbx_poly_seq_scheme.auth_mon_id 
_pdbx_poly_seq_scheme.pdb_strand_id 
_pdbx_poly_seq_scheme.pdb_ins_code 
_pdbx_poly_seq_scheme.hetero 
A 1 1  DC 1  1  1  DC C A . n 
A 1 2  DG 2  2  2  DG G A . n 
A 1 3  DC 3  3  3  DC C A . n 
A 1 4  DA 4  4  4  DA A A . n 
A 1 5  DA 5  5  5  DA A A . n 
A 1 6  DA 6  6  6  DA A A . n 
A 1 7  DT 7  7  7  DT T A . n 
A 1 8  DT 8  8  8  DT T A . n 
A 1 9  DI 9  9  9  DI I A . n 
A 1 10 DG 10 10 10 DG G A . n 
A 1 11 DC 11 11 11 DC C A . n 
A 1 12 DG 12 12 12 DG G A . n 
B 1 1  DC 1  13 13 DC C B . n 
B 1 2  DG 2  14 14 DG G B . n 
B 1 3  DC 3  15 15 DC C B . n 
B 1 4  DA 4  16 16 DA A B . n 
B 1 5  DA 5  17 17 DA A B . n 
B 1 6  DA 6  18 18 DA A B . n 
B 1 7  DT 7  19 19 DT T B . n 
B 1 8  DT 8  20 20 DT T B . n 
B 1 9  DI 9  21 21 DI I B . n 
B 1 10 DG 10 22 22 DG G B . n 
B 1 11 DC 11 23 23 DC C B . n 
B 1 12 DG 12 24 24 DG G B . n 
# 
loop_
_pdbx_nonpoly_scheme.asym_id 
_pdbx_nonpoly_scheme.entity_id 
_pdbx_nonpoly_scheme.mon_id 
_pdbx_nonpoly_scheme.ndb_seq_num 
_pdbx_nonpoly_scheme.pdb_seq_num 
_pdbx_nonpoly_scheme.auth_seq_num 
_pdbx_nonpoly_scheme.pdb_mon_id 
_pdbx_nonpoly_scheme.auth_mon_id 
_pdbx_nonpoly_scheme.pdb_strand_id 
_pdbx_nonpoly_scheme.pdb_ins_code 
C 2 HOH 1  27 27 HOH HOH A . 
C 2 HOH 2  28 28 HOH HOH A . 
C 2 HOH 3  30 30 HOH HOH A . 
C 2 HOH 4  31 31 HOH HOH A . 
C 2 HOH 5  33 33 HOH HOH A . 
C 2 HOH 6  34 34 HOH HOH A . 
C 2 HOH 7  43 43 HOH HOH A . 
C 2 HOH 8  45 45 HOH HOH A . 
C 2 HOH 9  48 48 HOH HOH A . 
C 2 HOH 10 49 49 HOH HOH A . 
C 2 HOH 11 50 50 HOH HOH A . 
C 2 HOH 12 51 51 HOH HOH A . 
C 2 HOH 13 52 52 HOH HOH A . 
C 2 HOH 14 53 53 HOH HOH A . 
C 2 HOH 15 55 55 HOH HOH A . 
C 2 HOH 16 57 57 HOH HOH A . 
C 2 HOH 17 59 59 HOH HOH A . 
C 2 HOH 18 60 60 HOH HOH A . 
C 2 HOH 19 65 65 HOH HOH A . 
C 2 HOH 20 66 66 HOH HOH A . 
C 2 HOH 21 68 68 HOH HOH A . 
C 2 HOH 22 71 71 HOH HOH A . 
C 2 HOH 23 72 72 HOH HOH A . 
C 2 HOH 24 74 74 HOH HOH A . 
C 2 HOH 25 76 76 HOH HOH A . 
C 2 HOH 26 78 78 HOH HOH A . 
C 2 HOH 27 79 79 HOH HOH A . 
C 2 HOH 28 80 80 HOH HOH A . 
C 2 HOH 29 82 82 HOH HOH A . 
C 2 HOH 30 84 84 HOH HOH A . 
C 2 HOH 31 86 86 HOH HOH A . 
C 2 HOH 32 93 93 HOH HOH A . 
C 2 HOH 33 94 94 HOH HOH A . 
D 2 HOH 1  25 25 HOH HOH B . 
D 2 HOH 2  26 26 HOH HOH B . 
D 2 HOH 3  29 29 HOH HOH B . 
D 2 HOH 4  32 32 HOH HOH B . 
D 2 HOH 5  35 35 HOH HOH B . 
D 2 HOH 6  36 36 HOH HOH B . 
D 2 HOH 7  37 37 HOH HOH B . 
D 2 HOH 8  38 38 HOH HOH B . 
D 2 HOH 9  39 39 HOH HOH B . 
D 2 HOH 10 40 40 HOH HOH B . 
D 2 HOH 11 41 41 HOH HOH B . 
D 2 HOH 12 42 42 HOH HOH B . 
D 2 HOH 13 44 44 HOH HOH B . 
D 2 HOH 14 46 46 HOH HOH B . 
D 2 HOH 15 47 47 HOH HOH B . 
D 2 HOH 16 54 54 HOH HOH B . 
D 2 HOH 17 56 56 HOH HOH B . 
D 2 HOH 18 58 58 HOH HOH B . 
D 2 HOH 19 61 61 HOH HOH B . 
D 2 HOH 20 62 62 HOH HOH B . 
D 2 HOH 21 63 63 HOH HOH B . 
D 2 HOH 22 64 64 HOH HOH B . 
D 2 HOH 23 67 67 HOH HOH B . 
D 2 HOH 24 69 69 HOH HOH B . 
D 2 HOH 25 70 70 HOH HOH B . 
D 2 HOH 26 73 73 HOH HOH B . 
D 2 HOH 27 75 75 HOH HOH B . 
D 2 HOH 28 77 77 HOH HOH B . 
D 2 HOH 29 81 81 HOH HOH B . 
D 2 HOH 30 83 83 HOH HOH B . 
D 2 HOH 31 85 85 HOH HOH B . 
D 2 HOH 32 87 87 HOH HOH B . 
D 2 HOH 33 88 88 HOH HOH B . 
D 2 HOH 34 89 89 HOH HOH B . 
D 2 HOH 35 90 90 HOH HOH B . 
D 2 HOH 36 91 91 HOH HOH B . 
D 2 HOH 37 92 92 HOH HOH B . 
D 2 HOH 38 95 95 HOH HOH B . 
# 
_software.name             NUCLSQ 
_software.classification   refinement 
_software.version          . 
_software.citation_id      ? 
_software.pdbx_ordinal     1 
# 
_cell.entry_id           1D81 
_cell.length_a           25.160 
_cell.length_b           41.060 
_cell.length_c           65.450 
_cell.angle_alpha        90.00 
_cell.angle_beta         90.00 
_cell.angle_gamma        90.00 
_cell.Z_PDB              8 
_cell.pdbx_unique_axis   ? 
# 
_symmetry.entry_id                         1D81 
_symmetry.space_group_name_H-M             'P 21 21 21' 
_symmetry.pdbx_full_space_group_name_H-M   ? 
_symmetry.cell_setting                     ? 
_symmetry.Int_Tables_number                19 
# 
_exptl.entry_id          1D81 
_exptl.method            'X-RAY DIFFRACTION' 
_exptl.crystals_number   ? 
# 
_exptl_crystal.id                    1 
_exptl_crystal.density_meas          ? 
_exptl_crystal.density_Matthews      2.30 
_exptl_crystal.density_percent_sol   46.56 
_exptl_crystal.description           ? 
# 
_exptl_crystal_grow.crystal_id      1 
_exptl_crystal_grow.method          'VAPOR DIFFUSION, SITTING DROP' 
_exptl_crystal_grow.temp            277.00 
_exptl_crystal_grow.temp_details    ? 
_exptl_crystal_grow.pH              6.50 
_exptl_crystal_grow.pdbx_details    'pH 6.50, VAPOR DIFFUSION, SITTING DROP, temperature 277.00K' 
_exptl_crystal_grow.pdbx_pH_range   ? 
# 
loop_
_exptl_crystal_grow_comp.crystal_id 
_exptl_crystal_grow_comp.id 
_exptl_crystal_grow_comp.sol_id 
_exptl_crystal_grow_comp.name 
_exptl_crystal_grow_comp.volume 
_exptl_crystal_grow_comp.conc 
_exptl_crystal_grow_comp.details 
1 1 1 WATER           ? ? ? 
1 2 1 MPD             ? ? ? 
1 3 1 'NA CACODYLATE' ? ? ? 
1 4 1 SPERMINE_HCL    ? ? ? 
1 5 2 WATER           ? ? ? 
1 6 2 MPD             ? ? ? 
# 
_diffrn.id                     1 
_diffrn.ambient_temp           277.00 
_diffrn.ambient_temp_details   ? 
_diffrn.crystal_id             1 
# 
_diffrn_detector.diffrn_id              1 
_diffrn_detector.detector               DIFFRACTOMETER 
_diffrn_detector.type                   'SIEMENS AED2' 
_diffrn_detector.pdbx_collection_date   ? 
_diffrn_detector.details                ? 
# 
_diffrn_radiation.diffrn_id                        1 
_diffrn_radiation.wavelength_id                    1 
_diffrn_radiation.pdbx_monochromatic_or_laue_m_l   ? 
_diffrn_radiation.monochromator                    ? 
_diffrn_radiation.pdbx_diffrn_protocol             ? 
_diffrn_radiation.pdbx_scattering_type             x-ray 
# 
_diffrn_radiation_wavelength.id           1 
_diffrn_radiation_wavelength.wavelength   . 
_diffrn_radiation_wavelength.wt           1.0 
# 
_diffrn_source.diffrn_id                   1 
_diffrn_source.source                      ? 
_diffrn_source.type                        ? 
_diffrn_source.pdbx_synchrotron_site       ? 
_diffrn_source.pdbx_synchrotron_beamline   ? 
_diffrn_source.pdbx_wavelength             ? 
_diffrn_source.pdbx_wavelength_list        ? 
# 
_reflns.entry_id                     1D81 
_reflns.observed_criterion_sigma_I   ? 
_reflns.observed_criterion_sigma_F   1.000 
_reflns.d_resolution_low             ? 
_reflns.d_resolution_high            2.500 
_reflns.number_obs                   2462 
_reflns.number_all                   4866 
_reflns.percent_possible_obs         ? 
_reflns.pdbx_Rmerge_I_obs            0.0900000 
_reflns.pdbx_Rsym_value              ? 
_reflns.pdbx_netI_over_sigmaI        ? 
_reflns.B_iso_Wilson_estimate        ? 
_reflns.pdbx_redundancy              ? 
_reflns.pdbx_diffrn_id               1 
_reflns.pdbx_ordinal                 1 
# 
_refine.entry_id                                 1D81 
_refine.ls_number_reflns_obs                     2004 
_refine.ls_number_reflns_all                     ? 
_refine.pdbx_ls_sigma_I                          ? 
_refine.pdbx_ls_sigma_F                          2.000 
_refine.pdbx_data_cutoff_high_absF               ? 
_refine.pdbx_data_cutoff_low_absF                ? 
_refine.pdbx_data_cutoff_high_rms_absF           ? 
_refine.ls_d_res_low                             7.000 
_refine.ls_d_res_high                            2.500 
_refine.ls_percent_reflns_obs                    ? 
_refine.ls_R_factor_obs                          0.1580000 
_refine.ls_R_factor_all                          ? 
_refine.ls_R_factor_R_work                       ? 
_refine.ls_R_factor_R_free                       ? 
_refine.ls_R_factor_R_free_error                 ? 
_refine.ls_R_factor_R_free_error_details         ? 
_refine.ls_percent_reflns_R_free                 ? 
_refine.ls_number_reflns_R_free                  ? 
_refine.ls_number_parameters                     ? 
_refine.ls_number_restraints                     ? 
_refine.occupancy_min                            ? 
_refine.occupancy_max                            ? 
_refine.B_iso_mean                               ? 
_refine.aniso_B[1][1]                            ? 
_refine.aniso_B[2][2]                            ? 
_refine.aniso_B[3][3]                            ? 
_refine.aniso_B[1][2]                            ? 
_refine.aniso_B[1][3]                            ? 
_refine.aniso_B[2][3]                            ? 
_refine.solvent_model_details                    ? 
_refine.solvent_model_param_ksol                 ? 
_refine.solvent_model_param_bsol                 ? 
_refine.pdbx_ls_cross_valid_method               ? 
_refine.details                                  ? 
_refine.pdbx_starting_model                      ? 
_refine.pdbx_method_to_determine_struct          ? 
_refine.pdbx_isotropic_thermal_model             ? 
_refine.pdbx_stereochemistry_target_values       ? 
_refine.pdbx_stereochem_target_val_spec_case     ? 
_refine.pdbx_R_Free_selection_details            ? 
_refine.pdbx_overall_ESU_R                       ? 
_refine.pdbx_overall_ESU_R_Free                  ? 
_refine.overall_SU_ML                            ? 
_refine.overall_SU_B                             ? 
_refine.pdbx_refine_id                           'X-RAY DIFFRACTION' 
_refine.pdbx_diffrn_id                           1 
_refine.pdbx_TLS_residual_ADP_flag               ? 
_refine.correlation_coeff_Fo_to_Fc               ? 
_refine.correlation_coeff_Fo_to_Fc_free          ? 
_refine.pdbx_solvent_vdw_probe_radii             ? 
_refine.pdbx_solvent_ion_probe_radii             ? 
_refine.pdbx_solvent_shrinkage_radii             ? 
_refine.pdbx_overall_phase_error                 ? 
_refine.overall_SU_R_Cruickshank_DPI             ? 
_refine.pdbx_overall_SU_R_free_Cruickshank_DPI   ? 
_refine.pdbx_overall_SU_R_Blow_DPI               ? 
_refine.pdbx_overall_SU_R_free_Blow_DPI          ? 
# 
_refine_hist.pdbx_refine_id                   'X-RAY DIFFRACTION' 
_refine_hist.cycle_id                         LAST 
_refine_hist.pdbx_number_atoms_protein        0 
_refine_hist.pdbx_number_atoms_nucleic_acid   488 
_refine_hist.pdbx_number_atoms_ligand         0 
_refine_hist.number_atoms_solvent             71 
_refine_hist.number_atoms_total               559 
_refine_hist.d_res_high                       2.500 
_refine_hist.d_res_low                        7.000 
# 
loop_
_refine_ls_restr.type 
_refine_ls_restr.dev_ideal 
_refine_ls_restr.dev_ideal_target 
_refine_ls_restr.weight 
_refine_ls_restr.number 
_refine_ls_restr.pdbx_refine_id 
_refine_ls_restr.pdbx_restraint_function 
n_bond_d               ?     ? ? ? 'X-RAY DIFFRACTION' ? 
n_angle_d              ?     ? ? ? 'X-RAY DIFFRACTION' ? 
n_planar_d             ?     ? ? ? 'X-RAY DIFFRACTION' ? 
n_hb_or_metal_coord    ?     ? ? ? 'X-RAY DIFFRACTION' ? 
n_sugar_bond_it        ?     ? ? ? 'X-RAY DIFFRACTION' ? 
n_sugar_angle_it       ?     ? ? ? 'X-RAY DIFFRACTION' ? 
n_phos_bond_it         ?     ? ? ? 'X-RAY DIFFRACTION' ? 
n_phos_angle_it        ?     ? ? ? 'X-RAY DIFFRACTION' ? 
n_bond_angle_restr     ?     ? ? ? 'X-RAY DIFFRACTION' ? 
n_dihedral_angle_restr ?     ? ? ? 'X-RAY DIFFRACTION' ? 
n_impr_tor             ?     ? ? ? 'X-RAY DIFFRACTION' ? 
n_sugar_bond_d         0.011 ? ? ? 'X-RAY DIFFRACTION' ? 
n_sugar_bond_angle_d   0.028 ? ? ? 'X-RAY DIFFRACTION' ? 
n_phos_bond_d          0.011 ? ? ? 'X-RAY DIFFRACTION' ? 
n_phos_bond_angle_d    0.025 ? ? ? 'X-RAY DIFFRACTION' ? 
n_plane_restr          ?     ? ? ? 'X-RAY DIFFRACTION' ? 
n_chiral_restr         ?     ? ? ? 'X-RAY DIFFRACTION' ? 
n_singtor_nbd          ?     ? ? ? 'X-RAY DIFFRACTION' ? 
n_multtor_nbd          ?     ? ? ? 'X-RAY DIFFRACTION' ? 
n_xhyhbond_nbd         ?     ? ? ? 'X-RAY DIFFRACTION' ? 
# 
_struct.entry_id                  1D81 
_struct.title                     'THE CONFORMATIONAL VARIABILITY OF AN ADENOSINE. INOSINE BASE-PAIR IN A SYNTHETIC DNA DODECAMER' 
_struct.pdbx_model_details        ? 
_struct.pdbx_CASP_flag            ? 
_struct.pdbx_model_type_details   ? 
# 
_struct_keywords.entry_id        1D81 
_struct_keywords.pdbx_keywords   DNA 
_struct_keywords.text            'B-DNA, DOUBLE HELIX, MODIFIED, MISMATCHED, DNA' 
# 
loop_
_struct_asym.id 
_struct_asym.pdbx_blank_PDB_chainid_flag 
_struct_asym.pdbx_modified 
_struct_asym.entity_id 
_struct_asym.details 
A N N 1 ? 
B N N 1 ? 
C N N 2 ? 
D N N 2 ? 
# 
_struct_ref.id                         1 
_struct_ref.entity_id                  1 
_struct_ref.db_name                    PDB 
_struct_ref.db_code                    1D81 
_struct_ref.pdbx_db_accession          1D81 
_struct_ref.pdbx_db_isoform            ? 
_struct_ref.pdbx_seq_one_letter_code   ? 
_struct_ref.pdbx_align_begin           ? 
# 
loop_
_struct_ref_seq.align_id 
_struct_ref_seq.ref_id 
_struct_ref_seq.pdbx_PDB_id_code 
_struct_ref_seq.pdbx_strand_id 
_struct_ref_seq.seq_align_beg 
_struct_ref_seq.pdbx_seq_align_beg_ins_code 
_struct_ref_seq.seq_align_end 
_struct_ref_seq.pdbx_seq_align_end_ins_code 
_struct_ref_seq.pdbx_db_accession 
_struct_ref_seq.db_align_beg 
_struct_ref_seq.pdbx_db_align_beg_ins_code 
_struct_ref_seq.db_align_end 
_struct_ref_seq.pdbx_db_align_end_ins_code 
_struct_ref_seq.pdbx_auth_seq_align_beg 
_struct_ref_seq.pdbx_auth_seq_align_end 
1 1 1D81 A 1 ? 12 ? 1D81 1  ? 12 ? 1  12 
2 1 1D81 B 1 ? 12 ? 1D81 13 ? 24 ? 13 24 
# 
_pdbx_struct_assembly.id                   1 
_pdbx_struct_assembly.details              author_defined_assembly 
_pdbx_struct_assembly.method_details       ? 
_pdbx_struct_assembly.oligomeric_details   dimeric 
_pdbx_struct_assembly.oligomeric_count     2 
# 
_pdbx_struct_assembly_gen.assembly_id       1 
_pdbx_struct_assembly_gen.oper_expression   1 
_pdbx_struct_assembly_gen.asym_id_list      A,B,C,D 
# 
_pdbx_struct_oper_list.id                   1 
_pdbx_struct_oper_list.type                 'identity operation' 
_pdbx_struct_oper_list.name                 1_555 
_pdbx_struct_oper_list.symmetry_operation   x,y,z 
_pdbx_struct_oper_list.matrix[1][1]         1.0000000000 
_pdbx_struct_oper_list.matrix[1][2]         0.0000000000 
_pdbx_struct_oper_list.matrix[1][3]         0.0000000000 
_pdbx_struct_oper_list.vector[1]            0.0000000000 
_pdbx_struct_oper_list.matrix[2][1]         0.0000000000 
_pdbx_struct_oper_list.matrix[2][2]         1.0000000000 
_pdbx_struct_oper_list.matrix[2][3]         0.0000000000 
_pdbx_struct_oper_list.vector[2]            0.0000000000 
_pdbx_struct_oper_list.matrix[3][1]         0.0000000000 
_pdbx_struct_oper_list.matrix[3][2]         0.0000000000 
_pdbx_struct_oper_list.matrix[3][3]         1.0000000000 
_pdbx_struct_oper_list.vector[3]            0.0000000000 
# 
_struct_biol.id   1 
# 
loop_
_struct_conn.id 
_struct_conn.conn_type_id 
_struct_conn.pdbx_leaving_atom_flag 
_struct_conn.pdbx_PDB_id 
_struct_conn.ptnr1_label_asym_id 
_struct_conn.ptnr1_label_comp_id 
_struct_conn.ptnr1_label_seq_id 
_struct_conn.ptnr1_label_atom_id 
_struct_conn.pdbx_ptnr1_label_alt_id 
_struct_conn.pdbx_ptnr1_PDB_ins_code 
_struct_conn.pdbx_ptnr1_standard_comp_id 
_struct_conn.ptnr1_symmetry 
_struct_conn.ptnr2_label_asym_id 
_struct_conn.ptnr2_label_comp_id 
_struct_conn.ptnr2_label_seq_id 
_struct_conn.ptnr2_label_atom_id 
_struct_conn.pdbx_ptnr2_label_alt_id 
_struct_conn.pdbx_ptnr2_PDB_ins_code 
_struct_conn.ptnr1_auth_asym_id 
_struct_conn.ptnr1_auth_comp_id 
_struct_conn.ptnr1_auth_seq_id 
_struct_conn.ptnr2_auth_asym_id 
_struct_conn.ptnr2_auth_comp_id 
_struct_conn.ptnr2_auth_seq_id 
_struct_conn.ptnr2_symmetry 
_struct_conn.pdbx_ptnr3_label_atom_id 
_struct_conn.pdbx_ptnr3_label_seq_id 
_struct_conn.pdbx_ptnr3_label_comp_id 
_struct_conn.pdbx_ptnr3_label_asym_id 
_struct_conn.pdbx_ptnr3_label_alt_id 
_struct_conn.pdbx_ptnr3_PDB_ins_code 
_struct_conn.details 
_struct_conn.pdbx_dist_value 
_struct_conn.pdbx_value_order 
_struct_conn.pdbx_role 
hydrog1  hydrog ? ? A DC 1  N3 ? ? ? 1_555 B DG 12 N1 ? ? A DC 1  B DG 24 1_555 ? ? ? ? ? ? WATSON-CRICK ? ? ? 
hydrog2  hydrog ? ? A DC 1  N4 ? ? ? 1_555 B DG 12 O6 ? ? A DC 1  B DG 24 1_555 ? ? ? ? ? ? WATSON-CRICK ? ? ? 
hydrog3  hydrog ? ? A DC 1  O2 ? ? ? 1_555 B DG 12 N2 ? ? A DC 1  B DG 24 1_555 ? ? ? ? ? ? WATSON-CRICK ? ? ? 
hydrog4  hydrog ? ? A DG 2  N1 ? ? ? 1_555 B DC 11 N3 ? ? A DG 2  B DC 23 1_555 ? ? ? ? ? ? WATSON-CRICK ? ? ? 
hydrog5  hydrog ? ? A DG 2  N2 ? ? ? 1_555 B DC 11 O2 ? ? A DG 2  B DC 23 1_555 ? ? ? ? ? ? WATSON-CRICK ? ? ? 
hydrog6  hydrog ? ? A DG 2  O6 ? ? ? 1_555 B DC 11 N4 ? ? A DG 2  B DC 23 1_555 ? ? ? ? ? ? WATSON-CRICK ? ? ? 
hydrog7  hydrog ? ? A DC 3  N3 ? ? ? 1_555 B DG 10 N1 ? ? A DC 3  B DG 22 1_555 ? ? ? ? ? ? WATSON-CRICK ? ? ? 
hydrog8  hydrog ? ? A DC 3  N4 ? ? ? 1_555 B DG 10 O6 ? ? A DC 3  B DG 22 1_555 ? ? ? ? ? ? WATSON-CRICK ? ? ? 
hydrog9  hydrog ? ? A DC 3  O2 ? ? ? 1_555 B DG 10 N2 ? ? A DC 3  B DG 22 1_555 ? ? ? ? ? ? WATSON-CRICK ? ? ? 
hydrog10 hydrog ? ? A DA 5  N1 ? ? ? 1_555 B DT 8  N3 ? ? A DA 5  B DT 20 1_555 ? ? ? ? ? ? WATSON-CRICK ? ? ? 
hydrog11 hydrog ? ? A DA 5  N6 ? ? ? 1_555 B DT 8  O4 ? ? A DA 5  B DT 20 1_555 ? ? ? ? ? ? WATSON-CRICK ? ? ? 
hydrog12 hydrog ? ? A DA 6  N1 ? ? ? 1_555 B DT 7  N3 ? ? A DA 6  B DT 19 1_555 ? ? ? ? ? ? WATSON-CRICK ? ? ? 
hydrog13 hydrog ? ? A DA 6  N6 ? ? ? 1_555 B DT 7  O4 ? ? A DA 6  B DT 19 1_555 ? ? ? ? ? ? WATSON-CRICK ? ? ? 
hydrog14 hydrog ? ? A DT 7  N3 ? ? ? 1_555 B DA 6  N1 ? ? A DT 7  B DA 18 1_555 ? ? ? ? ? ? WATSON-CRICK ? ? ? 
hydrog15 hydrog ? ? A DT 7  O4 ? ? ? 1_555 B DA 6  N6 ? ? A DT 7  B DA 18 1_555 ? ? ? ? ? ? WATSON-CRICK ? ? ? 
hydrog16 hydrog ? ? A DT 8  N3 ? ? ? 1_555 B DA 5  N1 ? ? A DT 8  B DA 17 1_555 ? ? ? ? ? ? WATSON-CRICK ? ? ? 
hydrog17 hydrog ? ? A DT 8  O4 ? ? ? 1_555 B DA 5  N6 ? ? A DT 8  B DA 17 1_555 ? ? ? ? ? ? WATSON-CRICK ? ? ? 
hydrog18 hydrog ? ? A DG 10 N1 ? ? ? 1_555 B DC 3  N3 ? ? A DG 10 B DC 15 1_555 ? ? ? ? ? ? WATSON-CRICK ? ? ? 
hydrog19 hydrog ? ? A DG 10 N2 ? ? ? 1_555 B DC 3  O2 ? ? A DG 10 B DC 15 1_555 ? ? ? ? ? ? WATSON-CRICK ? ? ? 
hydrog20 hydrog ? ? A DG 10 O6 ? ? ? 1_555 B DC 3  N4 ? ? A DG 10 B DC 15 1_555 ? ? ? ? ? ? WATSON-CRICK ? ? ? 
hydrog21 hydrog ? ? A DC 11 N3 ? ? ? 1_555 B DG 2  N1 ? ? A DC 11 B DG 14 1_555 ? ? ? ? ? ? WATSON-CRICK ? ? ? 
hydrog22 hydrog ? ? A DC 11 N4 ? ? ? 1_555 B DG 2  O6 ? ? A DC 11 B DG 14 1_555 ? ? ? ? ? ? WATSON-CRICK ? ? ? 
hydrog23 hydrog ? ? A DC 11 O2 ? ? ? 1_555 B DG 2  N2 ? ? A DC 11 B DG 14 1_555 ? ? ? ? ? ? WATSON-CRICK ? ? ? 
hydrog24 hydrog ? ? A DG 12 N1 ? ? ? 1_555 B DC 1  N3 ? ? A DG 12 B DC 13 1_555 ? ? ? ? ? ? WATSON-CRICK ? ? ? 
hydrog25 hydrog ? ? A DG 12 N2 ? ? ? 1_555 B DC 1  O2 ? ? A DG 12 B DC 13 1_555 ? ? ? ? ? ? WATSON-CRICK ? ? ? 
hydrog26 hydrog ? ? A DG 12 O6 ? ? ? 1_555 B DC 1  N4 ? ? A DG 12 B DC 13 1_555 ? ? ? ? ? ? WATSON-CRICK ? ? ? 
# 
_struct_conn_type.id          hydrog 
_struct_conn_type.criteria    ? 
_struct_conn_type.reference   ? 
# 
loop_
_pdbx_validate_close_contact.id 
_pdbx_validate_close_contact.PDB_model_num 
_pdbx_validate_close_contact.auth_atom_id_1 
_pdbx_validate_close_contact.auth_asym_id_1 
_pdbx_validate_close_contact.auth_comp_id_1 
_pdbx_validate_close_contact.auth_seq_id_1 
_pdbx_validate_close_contact.PDB_ins_code_1 
_pdbx_validate_close_contact.label_alt_id_1 
_pdbx_validate_close_contact.auth_atom_id_2 
_pdbx_validate_close_contact.auth_asym_id_2 
_pdbx_validate_close_contact.auth_comp_id_2 
_pdbx_validate_close_contact.auth_seq_id_2 
_pdbx_validate_close_contact.PDB_ins_code_2 
_pdbx_validate_close_contact.label_alt_id_2 
_pdbx_validate_close_contact.dist 
1 1 O  A HOH 48 ? ? O A HOH 50 ? ? 0.87 
2 1 N7 A DA  5  ? ? O A HOH 33 ? ? 2.19 
# 
_pdbx_validate_rmsd_bond.id                        1 
_pdbx_validate_rmsd_bond.PDB_model_num             1 
_pdbx_validate_rmsd_bond.auth_atom_id_1            "O4'" 
_pdbx_validate_rmsd_bond.auth_asym_id_1            B 
_pdbx_validate_rmsd_bond.auth_comp_id_1            DC 
_pdbx_validate_rmsd_bond.auth_seq_id_1             15 
_pdbx_validate_rmsd_bond.PDB_ins_code_1            ? 
_pdbx_validate_rmsd_bond.label_alt_id_1            ? 
_pdbx_validate_rmsd_bond.auth_atom_id_2            "C1'" 
_pdbx_validate_rmsd_bond.auth_asym_id_2            B 
_pdbx_validate_rmsd_bond.auth_comp_id_2            DC 
_pdbx_validate_rmsd_bond.auth_seq_id_2             15 
_pdbx_validate_rmsd_bond.PDB_ins_code_2            ? 
_pdbx_validate_rmsd_bond.label_alt_id_2            ? 
_pdbx_validate_rmsd_bond.bond_value                1.490 
_pdbx_validate_rmsd_bond.bond_target_value         1.420 
_pdbx_validate_rmsd_bond.bond_deviation            0.070 
_pdbx_validate_rmsd_bond.bond_standard_deviation   0.011 
_pdbx_validate_rmsd_bond.linker_flag               N 
# 
loop_
_pdbx_validate_rmsd_angle.id 
_pdbx_validate_rmsd_angle.PDB_model_num 
_pdbx_validate_rmsd_angle.auth_atom_id_1 
_pdbx_validate_rmsd_angle.auth_asym_id_1 
_pdbx_validate_rmsd_angle.auth_comp_id_1 
_pdbx_validate_rmsd_angle.auth_seq_id_1 
_pdbx_validate_rmsd_angle.PDB_ins_code_1 
_pdbx_validate_rmsd_angle.label_alt_id_1 
_pdbx_validate_rmsd_angle.auth_atom_id_2 
_pdbx_validate_rmsd_angle.auth_asym_id_2 
_pdbx_validate_rmsd_angle.auth_comp_id_2 
_pdbx_validate_rmsd_angle.auth_seq_id_2 
_pdbx_validate_rmsd_angle.PDB_ins_code_2 
_pdbx_validate_rmsd_angle.label_alt_id_2 
_pdbx_validate_rmsd_angle.auth_atom_id_3 
_pdbx_validate_rmsd_angle.auth_asym_id_3 
_pdbx_validate_rmsd_angle.auth_comp_id_3 
_pdbx_validate_rmsd_angle.auth_seq_id_3 
_pdbx_validate_rmsd_angle.PDB_ins_code_3 
_pdbx_validate_rmsd_angle.label_alt_id_3 
_pdbx_validate_rmsd_angle.angle_value 
_pdbx_validate_rmsd_angle.angle_target_value 
_pdbx_validate_rmsd_angle.angle_deviation 
_pdbx_validate_rmsd_angle.angle_standard_deviation 
_pdbx_validate_rmsd_angle.linker_flag 
1  1 N3    A DC 1  ? ? C4    A DC 1  ? ? C5    A DC 1  ? ? 119.29 121.90 -2.61 0.40 N 
2  1 N3    A DC 1  ? ? C4    A DC 1  ? ? N4    A DC 1  ? ? 122.30 118.00 4.30  0.70 N 
3  1 "O5'" A DG 2  ? ? "C5'" A DG 2  ? ? "C4'" A DG 2  ? ? 100.78 109.40 -8.62 0.80 N 
4  1 "C4'" A DG 2  ? ? "C3'" A DG 2  ? ? "C2'" A DG 2  ? ? 97.35  102.20 -4.85 0.70 N 
5  1 "C3'" A DG 2  ? ? "C2'" A DG 2  ? ? "C1'" A DG 2  ? ? 94.75  102.40 -7.65 0.80 N 
6  1 "O4'" A DG 2  ? ? "C1'" A DG 2  ? ? N9    A DG 2  ? ? 115.89 108.30 7.59  0.30 N 
7  1 C6    A DG 2  ? ? N1    A DG 2  ? ? C2    A DG 2  ? ? 121.23 125.10 -3.87 0.60 N 
8  1 C5    A DG 2  ? ? C6    A DG 2  ? ? N1    A DG 2  ? ? 115.25 111.50 3.75  0.50 N 
9  1 "C3'" A DG 2  ? ? "O3'" A DG 2  ? ? P     A DC 3  ? ? 128.24 119.70 8.54  1.20 Y 
10 1 "O4'" A DA 4  ? ? "C1'" A DA 4  ? ? N9    A DA 4  ? ? 112.98 108.30 4.68  0.30 N 
11 1 "C3'" A DA 4  ? ? "O3'" A DA 4  ? ? P     A DA 5  ? ? 128.13 119.70 8.43  1.20 Y 
12 1 "C4'" A DA 5  ? ? "C3'" A DA 5  ? ? "C2'" A DA 5  ? ? 94.61  102.20 -7.59 0.70 N 
13 1 "C3'" A DA 5  ? ? "C2'" A DA 5  ? ? "C1'" A DA 5  ? ? 93.61  102.40 -8.79 0.80 N 
14 1 "O4'" A DA 5  ? ? "C1'" A DA 5  ? ? N9    A DA 5  ? ? 115.14 108.30 6.84  0.30 N 
15 1 N1    A DA 5  ? ? C2    A DA 5  ? ? N3    A DA 5  ? ? 125.94 129.30 -3.36 0.50 N 
16 1 "C3'" A DA 5  ? ? "O3'" A DA 5  ? ? P     A DA 6  ? ? 127.52 119.70 7.82  1.20 Y 
17 1 N1    A DA 6  ? ? C2    A DA 6  ? ? N3    A DA 6  ? ? 125.40 129.30 -3.90 0.50 N 
18 1 C2    A DT 7  ? ? N3    A DT 7  ? ? C4    A DT 7  ? ? 122.07 127.20 -5.13 0.60 N 
19 1 N3    A DT 7  ? ? C4    A DT 7  ? ? C5    A DT 7  ? ? 118.84 115.20 3.64  0.60 N 
20 1 N3    A DT 7  ? ? C4    A DT 7  ? ? O4    A DT 7  ? ? 115.36 119.90 -4.54 0.60 N 
21 1 "C3'" A DT 7  ? ? "O3'" A DT 7  ? ? P     A DT 8  ? ? 127.79 119.70 8.09  1.20 Y 
22 1 "O5'" A DT 8  ? ? "C5'" A DT 8  ? ? "C4'" A DT 8  ? ? 104.33 109.40 -5.07 0.80 N 
23 1 "O4'" A DT 8  ? ? "C1'" A DT 8  ? ? N1    A DT 8  ? ? 114.38 108.30 6.08  0.30 N 
24 1 C2    A DT 8  ? ? N3    A DT 8  ? ? C4    A DT 8  ? ? 122.67 127.20 -4.53 0.60 N 
25 1 N3    A DT 8  ? ? C4    A DT 8  ? ? C5    A DT 8  ? ? 119.32 115.20 4.12  0.60 N 
26 1 "C3'" A DG 10 ? ? "C2'" A DG 10 ? ? "C1'" A DG 10 ? ? 92.85  102.40 -9.55 0.80 N 
27 1 "O4'" A DG 10 ? ? "C1'" A DG 10 ? ? N9    A DG 10 ? ? 115.76 108.30 7.46  0.30 N 
28 1 C6    A DG 10 ? ? N1    A DG 10 ? ? C2    A DG 10 ? ? 121.19 125.10 -3.91 0.60 N 
29 1 C5    A DG 10 ? ? C6    A DG 10 ? ? N1    A DG 10 ? ? 114.54 111.50 3.04  0.50 N 
30 1 "O4'" A DG 12 ? ? "C1'" A DG 12 ? ? N9    A DG 12 ? ? 110.84 108.30 2.54  0.30 N 
31 1 C6    A DG 12 ? ? N1    A DG 12 ? ? C2    A DG 12 ? ? 121.21 125.10 -3.89 0.60 N 
32 1 C5    A DG 12 ? ? C6    A DG 12 ? ? N1    A DG 12 ? ? 114.89 111.50 3.39  0.50 N 
33 1 "O4'" B DC 13 ? ? "C4'" B DC 13 ? ? "C3'" B DC 13 ? ? 101.96 104.50 -2.54 0.40 N 
34 1 "O4'" B DC 13 ? ? "C1'" B DC 13 ? ? N1    B DC 13 ? ? 113.66 108.30 5.36  0.30 N 
35 1 "C3'" B DG 14 ? ? "C2'" B DG 14 ? ? "C1'" B DG 14 ? ? 97.53  102.40 -4.87 0.80 N 
36 1 "O4'" B DG 14 ? ? "C1'" B DG 14 ? ? N9    B DG 14 ? ? 114.16 108.30 5.86  0.30 N 
37 1 C6    B DG 14 ? ? N1    B DG 14 ? ? C2    B DG 14 ? ? 121.25 125.10 -3.85 0.60 N 
38 1 C5    B DG 14 ? ? C6    B DG 14 ? ? N1    B DG 14 ? ? 114.68 111.50 3.18  0.50 N 
39 1 "O5'" B DC 15 ? ? "C5'" B DC 15 ? ? "C4'" B DC 15 ? ? 102.22 109.40 -7.18 0.80 N 
40 1 "O4'" B DC 15 ? ? "C4'" B DC 15 ? ? "C3'" B DC 15 ? ? 100.71 104.50 -3.79 0.40 N 
41 1 "C1'" B DC 15 ? ? "O4'" B DC 15 ? ? "C4'" B DC 15 ? ? 102.46 110.10 -7.64 1.00 N 
42 1 "O5'" B DA 16 ? ? "C5'" B DA 16 ? ? "C4'" B DA 16 ? ? 104.53 109.40 -4.87 0.80 N 
43 1 N1    B DA 16 ? ? C2    B DA 16 ? ? N3    B DA 16 ? ? 125.80 129.30 -3.50 0.50 N 
44 1 C5    B DA 16 ? ? C6    B DA 16 ? ? N1    B DA 16 ? ? 114.50 117.70 -3.20 0.50 N 
45 1 "C3'" B DA 16 ? ? "O3'" B DA 16 ? ? P     B DA 17 ? ? 128.55 119.70 8.85  1.20 Y 
46 1 "O5'" B DA 17 ? ? "C5'" B DA 17 ? ? "C4'" B DA 17 ? ? 103.50 109.40 -5.90 0.80 N 
47 1 "C4'" B DA 17 ? ? "C3'" B DA 17 ? ? "C2'" B DA 17 ? ? 97.31  102.20 -4.89 0.70 N 
48 1 "O4'" B DA 17 ? ? "C1'" B DA 17 ? ? N9    B DA 17 ? ? 110.86 108.30 2.56  0.30 N 
49 1 N1    B DA 17 ? ? C2    B DA 17 ? ? N3    B DA 17 ? ? 126.01 129.30 -3.29 0.50 N 
50 1 N1    B DA 17 ? ? C6    B DA 17 ? ? N6    B DA 17 ? ? 122.78 118.60 4.18  0.60 N 
51 1 "C3'" B DA 17 ? ? "O3'" B DA 17 ? ? P     B DA 18 ? ? 128.56 119.70 8.86  1.20 Y 
52 1 "O5'" B DA 18 ? ? "C5'" B DA 18 ? ? "C4'" B DA 18 ? ? 103.93 109.40 -5.47 0.80 N 
53 1 "O4'" B DA 18 ? ? "C1'" B DA 18 ? ? N9    B DA 18 ? ? 110.88 108.30 2.58  0.30 N 
54 1 C5    B DA 18 ? ? C6    B DA 18 ? ? N1    B DA 18 ? ? 114.19 117.70 -3.51 0.50 N 
55 1 "C3'" B DA 18 ? ? "O3'" B DA 18 ? ? P     B DT 19 ? ? 127.57 119.70 7.87  1.20 Y 
56 1 C2    B DT 19 ? ? N3    B DT 19 ? ? C4    B DT 19 ? ? 122.72 127.20 -4.48 0.60 N 
57 1 N3    B DT 19 ? ? C4    B DT 19 ? ? C5    B DT 19 ? ? 118.85 115.20 3.65  0.60 N 
58 1 C2    B DT 20 ? ? N3    B DT 20 ? ? C4    B DT 20 ? ? 123.04 127.20 -4.16 0.60 N 
59 1 "C3'" B DI 21 ? ? "O3'" B DI 21 ? ? P     B DG 22 ? ? 141.57 119.70 21.87 1.20 Y 
60 1 "O4'" B DG 22 ? ? "C1'" B DG 22 ? ? N9    B DG 22 ? ? 111.74 108.30 3.44  0.30 N 
61 1 C5    B DG 22 ? ? C6    B DG 22 ? ? N1    B DG 22 ? ? 114.99 111.50 3.49  0.50 N 
62 1 "C3'" B DG 22 ? ? "O3'" B DG 22 ? ? P     B DC 23 ? ? 136.11 119.70 16.41 1.20 Y 
63 1 OP1   B DC 23 ? ? P     B DC 23 ? ? OP2   B DC 23 ? ? 110.31 119.60 -9.29 1.50 N 
64 1 "O4'" B DG 24 ? ? "C1'" B DG 24 ? ? N9    B DG 24 ? ? 112.56 108.30 4.26  0.30 N 
65 1 C6    B DG 24 ? ? N1    B DG 24 ? ? C2    B DG 24 ? ? 121.48 125.10 -3.62 0.60 N 
66 1 C5    B DG 24 ? ? C6    B DG 24 ? ? N1    B DG 24 ? ? 115.13 111.50 3.63  0.50 N 
# 
loop_
_refine_B_iso.class 
_refine_B_iso.details 
_refine_B_iso.treatment 
_refine_B_iso.pdbx_refine_id 
'ALL ATOMS'  TR isotropic 'X-RAY DIFFRACTION' 
'ALL WATERS' TR isotropic 'X-RAY DIFFRACTION' 
# 
loop_
_refine_occupancy.class 
_refine_occupancy.treatment 
_refine_occupancy.pdbx_refine_id 
'ALL ATOMS'  fix 'X-RAY DIFFRACTION' 
'ALL WATERS' fix 'X-RAY DIFFRACTION' 
# 
loop_
_chem_comp_atom.comp_id 
_chem_comp_atom.atom_id 
_chem_comp_atom.type_symbol 
_chem_comp_atom.pdbx_aromatic_flag 
_chem_comp_atom.pdbx_stereo_config 
_chem_comp_atom.pdbx_ordinal 
DA  OP3    O N N 1   
DA  P      P N N 2   
DA  OP1    O N N 3   
DA  OP2    O N N 4   
DA  "O5'"  O N N 5   
DA  "C5'"  C N N 6   
DA  "C4'"  C N R 7   
DA  "O4'"  O N N 8   
DA  "C3'"  C N S 9   
DA  "O3'"  O N N 10  
DA  "C2'"  C N N 11  
DA  "C1'"  C N R 12  
DA  N9     N Y N 13  
DA  C8     C Y N 14  
DA  N7     N Y N 15  
DA  C5     C Y N 16  
DA  C6     C Y N 17  
DA  N6     N N N 18  
DA  N1     N Y N 19  
DA  C2     C Y N 20  
DA  N3     N Y N 21  
DA  C4     C Y N 22  
DA  HOP3   H N N 23  
DA  HOP2   H N N 24  
DA  "H5'"  H N N 25  
DA  "H5''" H N N 26  
DA  "H4'"  H N N 27  
DA  "H3'"  H N N 28  
DA  "HO3'" H N N 29  
DA  "H2'"  H N N 30  
DA  "H2''" H N N 31  
DA  "H1'"  H N N 32  
DA  H8     H N N 33  
DA  H61    H N N 34  
DA  H62    H N N 35  
DA  H2     H N N 36  
DC  OP3    O N N 37  
DC  P      P N N 38  
DC  OP1    O N N 39  
DC  OP2    O N N 40  
DC  "O5'"  O N N 41  
DC  "C5'"  C N N 42  
DC  "C4'"  C N R 43  
DC  "O4'"  O N N 44  
DC  "C3'"  C N S 45  
DC  "O3'"  O N N 46  
DC  "C2'"  C N N 47  
DC  "C1'"  C N R 48  
DC  N1     N N N 49  
DC  C2     C N N 50  
DC  O2     O N N 51  
DC  N3     N N N 52  
DC  C4     C N N 53  
DC  N4     N N N 54  
DC  C5     C N N 55  
DC  C6     C N N 56  
DC  HOP3   H N N 57  
DC  HOP2   H N N 58  
DC  "H5'"  H N N 59  
DC  "H5''" H N N 60  
DC  "H4'"  H N N 61  
DC  "H3'"  H N N 62  
DC  "HO3'" H N N 63  
DC  "H2'"  H N N 64  
DC  "H2''" H N N 65  
DC  "H1'"  H N N 66  
DC  H41    H N N 67  
DC  H42    H N N 68  
DC  H5     H N N 69  
DC  H6     H N N 70  
DG  OP3    O N N 71  
DG  P      P N N 72  
DG  OP1    O N N 73  
DG  OP2    O N N 74  
DG  "O5'"  O N N 75  
DG  "C5'"  C N N 76  
DG  "C4'"  C N R 77  
DG  "O4'"  O N N 78  
DG  "C3'"  C N S 79  
DG  "O3'"  O N N 80  
DG  "C2'"  C N N 81  
DG  "C1'"  C N R 82  
DG  N9     N Y N 83  
DG  C8     C Y N 84  
DG  N7     N Y N 85  
DG  C5     C Y N 86  
DG  C6     C N N 87  
DG  O6     O N N 88  
DG  N1     N N N 89  
DG  C2     C N N 90  
DG  N2     N N N 91  
DG  N3     N N N 92  
DG  C4     C Y N 93  
DG  HOP3   H N N 94  
DG  HOP2   H N N 95  
DG  "H5'"  H N N 96  
DG  "H5''" H N N 97  
DG  "H4'"  H N N 98  
DG  "H3'"  H N N 99  
DG  "HO3'" H N N 100 
DG  "H2'"  H N N 101 
DG  "H2''" H N N 102 
DG  "H1'"  H N N 103 
DG  H8     H N N 104 
DG  H1     H N N 105 
DG  H21    H N N 106 
DG  H22    H N N 107 
DI  OP3    O N N 108 
DI  P      P N N 109 
DI  OP1    O N N 110 
DI  OP2    O N N 111 
DI  "O5'"  O N N 112 
DI  "C5'"  C N N 113 
DI  "C4'"  C N R 114 
DI  "O4'"  O N N 115 
DI  "C3'"  C N S 116 
DI  "O3'"  O N N 117 
DI  "C2'"  C N N 118 
DI  "C1'"  C N R 119 
DI  N9     N Y N 120 
DI  C8     C Y N 121 
DI  N7     N Y N 122 
DI  C5     C Y N 123 
DI  C6     C N N 124 
DI  O6     O N N 125 
DI  N1     N N N 126 
DI  C2     C N N 127 
DI  N3     N N N 128 
DI  C4     C Y N 129 
DI  HOP3   H N N 130 
DI  HOP2   H N N 131 
DI  "H5'"  H N N 132 
DI  "H5''" H N N 133 
DI  "H4'"  H N N 134 
DI  "H3'"  H N N 135 
DI  "HO3'" H N N 136 
DI  "H2'"  H N N 137 
DI  "H2''" H N N 138 
DI  "H1'"  H N N 139 
DI  H8     H N N 140 
DI  H1     H N N 141 
DI  H2     H N N 142 
DT  OP3    O N N 143 
DT  P      P N N 144 
DT  OP1    O N N 145 
DT  OP2    O N N 146 
DT  "O5'"  O N N 147 
DT  "C5'"  C N N 148 
DT  "C4'"  C N R 149 
DT  "O4'"  O N N 150 
DT  "C3'"  C N S 151 
DT  "O3'"  O N N 152 
DT  "C2'"  C N N 153 
DT  "C1'"  C N R 154 
DT  N1     N N N 155 
DT  C2     C N N 156 
DT  O2     O N N 157 
DT  N3     N N N 158 
DT  C4     C N N 159 
DT  O4     O N N 160 
DT  C5     C N N 161 
DT  C7     C N N 162 
DT  C6     C N N 163 
DT  HOP3   H N N 164 
DT  HOP2   H N N 165 
DT  "H5'"  H N N 166 
DT  "H5''" H N N 167 
DT  "H4'"  H N N 168 
DT  "H3'"  H N N 169 
DT  "HO3'" H N N 170 
DT  "H2'"  H N N 171 
DT  "H2''" H N N 172 
DT  "H1'"  H N N 173 
DT  H3     H N N 174 
DT  H71    H N N 175 
DT  H72    H N N 176 
DT  H73    H N N 177 
DT  H6     H N N 178 
HOH O      O N N 179 
HOH H1     H N N 180 
HOH H2     H N N 181 
# 
loop_
_chem_comp_bond.comp_id 
_chem_comp_bond.atom_id_1 
_chem_comp_bond.atom_id_2 
_chem_comp_bond.value_order 
_chem_comp_bond.pdbx_aromatic_flag 
_chem_comp_bond.pdbx_stereo_config 
_chem_comp_bond.pdbx_ordinal 
DA  OP3   P      sing N N 1   
DA  OP3   HOP3   sing N N 2   
DA  P     OP1    doub N N 3   
DA  P     OP2    sing N N 4   
DA  P     "O5'"  sing N N 5   
DA  OP2   HOP2   sing N N 6   
DA  "O5'" "C5'"  sing N N 7   
DA  "C5'" "C4'"  sing N N 8   
DA  "C5'" "H5'"  sing N N 9   
DA  "C5'" "H5''" sing N N 10  
DA  "C4'" "O4'"  sing N N 11  
DA  "C4'" "C3'"  sing N N 12  
DA  "C4'" "H4'"  sing N N 13  
DA  "O4'" "C1'"  sing N N 14  
DA  "C3'" "O3'"  sing N N 15  
DA  "C3'" "C2'"  sing N N 16  
DA  "C3'" "H3'"  sing N N 17  
DA  "O3'" "HO3'" sing N N 18  
DA  "C2'" "C1'"  sing N N 19  
DA  "C2'" "H2'"  sing N N 20  
DA  "C2'" "H2''" sing N N 21  
DA  "C1'" N9     sing N N 22  
DA  "C1'" "H1'"  sing N N 23  
DA  N9    C8     sing Y N 24  
DA  N9    C4     sing Y N 25  
DA  C8    N7     doub Y N 26  
DA  C8    H8     sing N N 27  
DA  N7    C5     sing Y N 28  
DA  C5    C6     sing Y N 29  
DA  C5    C4     doub Y N 30  
DA  C6    N6     sing N N 31  
DA  C6    N1     doub Y N 32  
DA  N6    H61    sing N N 33  
DA  N6    H62    sing N N 34  
DA  N1    C2     sing Y N 35  
DA  C2    N3     doub Y N 36  
DA  C2    H2     sing N N 37  
DA  N3    C4     sing Y N 38  
DC  OP3   P      sing N N 39  
DC  OP3   HOP3   sing N N 40  
DC  P     OP1    doub N N 41  
DC  P     OP2    sing N N 42  
DC  P     "O5'"  sing N N 43  
DC  OP2   HOP2   sing N N 44  
DC  "O5'" "C5'"  sing N N 45  
DC  "C5'" "C4'"  sing N N 46  
DC  "C5'" "H5'"  sing N N 47  
DC  "C5'" "H5''" sing N N 48  
DC  "C4'" "O4'"  sing N N 49  
DC  "C4'" "C3'"  sing N N 50  
DC  "C4'" "H4'"  sing N N 51  
DC  "O4'" "C1'"  sing N N 52  
DC  "C3'" "O3'"  sing N N 53  
DC  "C3'" "C2'"  sing N N 54  
DC  "C3'" "H3'"  sing N N 55  
DC  "O3'" "HO3'" sing N N 56  
DC  "C2'" "C1'"  sing N N 57  
DC  "C2'" "H2'"  sing N N 58  
DC  "C2'" "H2''" sing N N 59  
DC  "C1'" N1     sing N N 60  
DC  "C1'" "H1'"  sing N N 61  
DC  N1    C2     sing N N 62  
DC  N1    C6     sing N N 63  
DC  C2    O2     doub N N 64  
DC  C2    N3     sing N N 65  
DC  N3    C4     doub N N 66  
DC  C4    N4     sing N N 67  
DC  C4    C5     sing N N 68  
DC  N4    H41    sing N N 69  
DC  N4    H42    sing N N 70  
DC  C5    C6     doub N N 71  
DC  C5    H5     sing N N 72  
DC  C6    H6     sing N N 73  
DG  OP3   P      sing N N 74  
DG  OP3   HOP3   sing N N 75  
DG  P     OP1    doub N N 76  
DG  P     OP2    sing N N 77  
DG  P     "O5'"  sing N N 78  
DG  OP2   HOP2   sing N N 79  
DG  "O5'" "C5'"  sing N N 80  
DG  "C5'" "C4'"  sing N N 81  
DG  "C5'" "H5'"  sing N N 82  
DG  "C5'" "H5''" sing N N 83  
DG  "C4'" "O4'"  sing N N 84  
DG  "C4'" "C3'"  sing N N 85  
DG  "C4'" "H4'"  sing N N 86  
DG  "O4'" "C1'"  sing N N 87  
DG  "C3'" "O3'"  sing N N 88  
DG  "C3'" "C2'"  sing N N 89  
DG  "C3'" "H3'"  sing N N 90  
DG  "O3'" "HO3'" sing N N 91  
DG  "C2'" "C1'"  sing N N 92  
DG  "C2'" "H2'"  sing N N 93  
DG  "C2'" "H2''" sing N N 94  
DG  "C1'" N9     sing N N 95  
DG  "C1'" "H1'"  sing N N 96  
DG  N9    C8     sing Y N 97  
DG  N9    C4     sing Y N 98  
DG  C8    N7     doub Y N 99  
DG  C8    H8     sing N N 100 
DG  N7    C5     sing Y N 101 
DG  C5    C6     sing N N 102 
DG  C5    C4     doub Y N 103 
DG  C6    O6     doub N N 104 
DG  C6    N1     sing N N 105 
DG  N1    C2     sing N N 106 
DG  N1    H1     sing N N 107 
DG  C2    N2     sing N N 108 
DG  C2    N3     doub N N 109 
DG  N2    H21    sing N N 110 
DG  N2    H22    sing N N 111 
DG  N3    C4     sing N N 112 
DI  OP3   P      sing N N 113 
DI  OP3   HOP3   sing N N 114 
DI  P     OP1    doub N N 115 
DI  P     OP2    sing N N 116 
DI  P     "O5'"  sing N N 117 
DI  OP2   HOP2   sing N N 118 
DI  "O5'" "C5'"  sing N N 119 
DI  "C5'" "C4'"  sing N N 120 
DI  "C5'" "H5'"  sing N N 121 
DI  "C5'" "H5''" sing N N 122 
DI  "C4'" "O4'"  sing N N 123 
DI  "C4'" "C3'"  sing N N 124 
DI  "C4'" "H4'"  sing N N 125 
DI  "O4'" "C1'"  sing N N 126 
DI  "C3'" "O3'"  sing N N 127 
DI  "C3'" "C2'"  sing N N 128 
DI  "C3'" "H3'"  sing N N 129 
DI  "O3'" "HO3'" sing N N 130 
DI  "C2'" "C1'"  sing N N 131 
DI  "C2'" "H2'"  sing N N 132 
DI  "C2'" "H2''" sing N N 133 
DI  "C1'" N9     sing N N 134 
DI  "C1'" "H1'"  sing N N 135 
DI  N9    C8     sing Y N 136 
DI  N9    C4     sing Y N 137 
DI  C8    N7     doub Y N 138 
DI  C8    H8     sing N N 139 
DI  N7    C5     sing Y N 140 
DI  C5    C6     sing N N 141 
DI  C5    C4     doub Y N 142 
DI  C6    O6     doub N N 143 
DI  C6    N1     sing N N 144 
DI  N1    C2     sing N N 145 
DI  N1    H1     sing N N 146 
DI  C2    N3     doub N N 147 
DI  C2    H2     sing N N 148 
DI  N3    C4     sing N N 149 
DT  OP3   P      sing N N 150 
DT  OP3   HOP3   sing N N 151 
DT  P     OP1    doub N N 152 
DT  P     OP2    sing N N 153 
DT  P     "O5'"  sing N N 154 
DT  OP2   HOP2   sing N N 155 
DT  "O5'" "C5'"  sing N N 156 
DT  "C5'" "C4'"  sing N N 157 
DT  "C5'" "H5'"  sing N N 158 
DT  "C5'" "H5''" sing N N 159 
DT  "C4'" "O4'"  sing N N 160 
DT  "C4'" "C3'"  sing N N 161 
DT  "C4'" "H4'"  sing N N 162 
DT  "O4'" "C1'"  sing N N 163 
DT  "C3'" "O3'"  sing N N 164 
DT  "C3'" "C2'"  sing N N 165 
DT  "C3'" "H3'"  sing N N 166 
DT  "O3'" "HO3'" sing N N 167 
DT  "C2'" "C1'"  sing N N 168 
DT  "C2'" "H2'"  sing N N 169 
DT  "C2'" "H2''" sing N N 170 
DT  "C1'" N1     sing N N 171 
DT  "C1'" "H1'"  sing N N 172 
DT  N1    C2     sing N N 173 
DT  N1    C6     sing N N 174 
DT  C2    O2     doub N N 175 
DT  C2    N3     sing N N 176 
DT  N3    C4     sing N N 177 
DT  N3    H3     sing N N 178 
DT  C4    O4     doub N N 179 
DT  C4    C5     sing N N 180 
DT  C5    C7     sing N N 181 
DT  C5    C6     doub N N 182 
DT  C7    H71    sing N N 183 
DT  C7    H72    sing N N 184 
DT  C7    H73    sing N N 185 
DT  C6    H6     sing N N 186 
HOH O     H1     sing N N 187 
HOH O     H2     sing N N 188 
# 
loop_
_ndb_struct_conf_na.entry_id 
_ndb_struct_conf_na.feature 
1D81 'double helix'         
1D81 'b-form double helix'  
1D81 'mismatched base pair' 
# 
loop_
_ndb_struct_na_base_pair.model_number 
_ndb_struct_na_base_pair.i_label_asym_id 
_ndb_struct_na_base_pair.i_label_comp_id 
_ndb_struct_na_base_pair.i_label_seq_id 
_ndb_struct_na_base_pair.i_symmetry 
_ndb_struct_na_base_pair.j_label_asym_id 
_ndb_struct_na_base_pair.j_label_comp_id 
_ndb_struct_na_base_pair.j_label_seq_id 
_ndb_struct_na_base_pair.j_symmetry 
_ndb_struct_na_base_pair.shear 
_ndb_struct_na_base_pair.stretch 
_ndb_struct_na_base_pair.stagger 
_ndb_struct_na_base_pair.buckle 
_ndb_struct_na_base_pair.propeller 
_ndb_struct_na_base_pair.opening 
_ndb_struct_na_base_pair.pair_number 
_ndb_struct_na_base_pair.pair_name 
_ndb_struct_na_base_pair.i_auth_asym_id 
_ndb_struct_na_base_pair.i_auth_seq_id 
_ndb_struct_na_base_pair.i_PDB_ins_code 
_ndb_struct_na_base_pair.j_auth_asym_id 
_ndb_struct_na_base_pair.j_auth_seq_id 
_ndb_struct_na_base_pair.j_PDB_ins_code 
_ndb_struct_na_base_pair.hbond_type_28 
_ndb_struct_na_base_pair.hbond_type_12 
1 A DC 1  1_555 B DG 12 1_555 0.073  -0.316 0.068  -2.939 -13.417 -0.774 1  A_DC1:DG24_B  A 1  ? B 24 ? 19 1 
1 A DG 2  1_555 B DC 11 1_555 -0.209 -0.529 0.284  0.632  -16.620 -3.470 2  A_DG2:DC23_B  A 2  ? B 23 ? 19 1 
1 A DC 3  1_555 B DG 10 1_555 -0.231 -0.352 0.797  -9.838 -12.735 -2.108 3  A_DC3:DG22_B  A 3  ? B 22 ? 19 1 
1 A DA 5  1_555 B DT 8  1_555 0.329  -0.374 0.437  3.609  -14.321 -0.287 4  A_DA5:DT20_B  A 5  ? B 20 ? 20 1 
1 A DA 6  1_555 B DT 7  1_555 -0.152 -0.340 0.109  6.123  -23.882 -0.336 5  A_DA6:DT19_B  A 6  ? B 19 ? 20 1 
1 A DT 7  1_555 B DA 6  1_555 0.419  -0.314 0.072  -2.667 -17.335 -2.508 6  A_DT7:DA18_B  A 7  ? B 18 ? 20 1 
1 A DT 8  1_555 B DA 5  1_555 0.429  -0.699 0.181  -6.539 -14.773 -4.286 7  A_DT8:DA17_B  A 8  ? B 17 ? 20 1 
1 A DG 10 1_555 B DC 3  1_555 -0.012 -0.309 0.112  2.738  -5.256  -5.971 8  A_DG10:DC15_B A 10 ? B 15 ? 19 1 
1 A DC 11 1_555 B DG 2  1_555 0.515  -0.534 0.460  1.343  -17.540 -9.447 9  A_DC11:DG14_B A 11 ? B 14 ? 19 1 
1 A DG 12 1_555 B DC 1  1_555 -0.445 -0.553 -0.094 7.871  -3.364  -5.635 10 A_DG12:DC13_B A 12 ? B 13 ? 19 1 
# 
loop_
_ndb_struct_na_base_pair_step.model_number 
_ndb_struct_na_base_pair_step.i_label_asym_id_1 
_ndb_struct_na_base_pair_step.i_label_comp_id_1 
_ndb_struct_na_base_pair_step.i_label_seq_id_1 
_ndb_struct_na_base_pair_step.i_symmetry_1 
_ndb_struct_na_base_pair_step.j_label_asym_id_1 
_ndb_struct_na_base_pair_step.j_label_comp_id_1 
_ndb_struct_na_base_pair_step.j_label_seq_id_1 
_ndb_struct_na_base_pair_step.j_symmetry_1 
_ndb_struct_na_base_pair_step.i_label_asym_id_2 
_ndb_struct_na_base_pair_step.i_label_comp_id_2 
_ndb_struct_na_base_pair_step.i_label_seq_id_2 
_ndb_struct_na_base_pair_step.i_symmetry_2 
_ndb_struct_na_base_pair_step.j_label_asym_id_2 
_ndb_struct_na_base_pair_step.j_label_comp_id_2 
_ndb_struct_na_base_pair_step.j_label_seq_id_2 
_ndb_struct_na_base_pair_step.j_symmetry_2 
_ndb_struct_na_base_pair_step.shift 
_ndb_struct_na_base_pair_step.slide 
_ndb_struct_na_base_pair_step.rise 
_ndb_struct_na_base_pair_step.tilt 
_ndb_struct_na_base_pair_step.roll 
_ndb_struct_na_base_pair_step.twist 
_ndb_struct_na_base_pair_step.x_displacement 
_ndb_struct_na_base_pair_step.y_displacement 
_ndb_struct_na_base_pair_step.helical_rise 
_ndb_struct_na_base_pair_step.inclination 
_ndb_struct_na_base_pair_step.tip 
_ndb_struct_na_base_pair_step.helical_twist 
_ndb_struct_na_base_pair_step.step_number 
_ndb_struct_na_base_pair_step.step_name 
_ndb_struct_na_base_pair_step.i_auth_asym_id_1 
_ndb_struct_na_base_pair_step.i_auth_seq_id_1 
_ndb_struct_na_base_pair_step.i_PDB_ins_code_1 
_ndb_struct_na_base_pair_step.j_auth_asym_id_1 
_ndb_struct_na_base_pair_step.j_auth_seq_id_1 
_ndb_struct_na_base_pair_step.j_PDB_ins_code_1 
_ndb_struct_na_base_pair_step.i_auth_asym_id_2 
_ndb_struct_na_base_pair_step.i_auth_seq_id_2 
_ndb_struct_na_base_pair_step.i_PDB_ins_code_2 
_ndb_struct_na_base_pair_step.j_auth_asym_id_2 
_ndb_struct_na_base_pair_step.j_auth_seq_id_2 
_ndb_struct_na_base_pair_step.j_PDB_ins_code_2 
1 A DC 1  1_555 B DG 12 1_555 A DG 2  1_555 B DC 11 1_555 -0.218 0.618  3.289 -2.406 7.769   34.184 -0.173 -0.010 3.352 12.989  
4.023  35.110 1 AA_DC1DG2:DC23DG24_BB   A 1  ? B 24 ? A 2  ? B 23 ? 
1 A DG 2  1_555 B DC 11 1_555 A DC 3  1_555 B DG 10 1_555 0.463  0.309  3.638 -1.143 -2.719  40.462 0.781  -0.808 3.597 -3.925  
1.650  40.565 2 AA_DG2DC3:DG22DC23_BB   A 2  ? B 23 ? A 3  ? B 22 ? 
1 A DC 3  1_555 B DG 10 1_555 A DA 5  1_555 B DT 8  1_555 -0.244 0.690  6.382 -1.715 1.597   66.992 0.503  0.091  6.399 1.446   
1.553  67.029 3 AA_DC3DA5:DT20DG22_BB   A 3  ? B 22 ? A 5  ? B 20 ? 
1 A DA 5  1_555 B DT 8  1_555 A DA 6  1_555 B DT 7  1_555 -0.102 -0.247 3.202 2.021  0.740   37.042 -0.484 0.425  3.187 1.163   
-3.177 37.102 4 AA_DA5DA6:DT19DT20_BB   A 5  ? B 20 ? A 6  ? B 19 ? 
1 A DA 6  1_555 B DT 7  1_555 A DT 7  1_555 B DA 6  1_555 -0.073 -0.653 3.603 -0.550 1.373   31.936 -1.458 0.023  3.573 2.494   
0.999  31.969 5 AA_DA6DT7:DA18DT19_BB   A 6  ? B 19 ? A 7  ? B 18 ? 
1 A DT 7  1_555 B DA 6  1_555 A DT 8  1_555 B DA 5  1_555 -0.166 -0.209 3.367 -1.536 0.286   36.600 -0.372 0.047  3.369 0.455   
2.445  36.632 6 AA_DT7DT8:DA17DA18_BB   A 7  ? B 18 ? A 8  ? B 17 ? 
1 A DT 8  1_555 B DA 5  1_555 A DG 10 1_555 B DC 3  1_555 -0.387 0.985  6.475 -4.276 -1.571  67.905 0.998  0.026  6.465 -1.405  
3.824  68.040 7 AA_DT8DG10:DC15DA17_BB  A 8  ? B 17 ? A 10 ? B 15 ? 
1 A DG 10 1_555 B DC 3  1_555 A DC 11 1_555 B DG 2  1_555 -0.944 0.480  3.519 -3.027 -11.737 41.969 1.853  0.960  3.332 -15.991 
4.123  43.609 8 AA_DG10DC11:DG14DC15_BB A 10 ? B 15 ? A 11 ? B 14 ? 
1 A DC 11 1_555 B DG 2  1_555 A DG 12 1_555 B DC 1  1_555 0.353  0.133  3.378 5.419  -1.059  31.791 0.435  0.368  3.385 -1.916  
-9.800 32.254 9 AA_DC11DG12:DC13DG14_BB A 11 ? B 14 ? A 12 ? B 13 ? 
# 
_atom_sites.entry_id                    1D81 
_atom_sites.fract_transf_matrix[1][1]   -0.02120920 
_atom_sites.fract_transf_matrix[1][2]   -0.00521158 
_atom_sites.fract_transf_matrix[1][3]   0.03320774 
_atom_sites.fract_transf_matrix[2][1]   -0.01972827 
_atom_sites.fract_transf_matrix[2][2]   -0.00498652 
_atom_sites.fract_transf_matrix[2][3]   -0.01338268 
_atom_sites.fract_transf_matrix[3][1]   0.00371451 
_atom_sites.fract_transf_matrix[3][2]   -0.01482053 
_atom_sites.fract_transf_matrix[3][3]   0.00004648 
_atom_sites.fract_transf_vector[1]      0.583522 
_atom_sites.fract_transf_vector[2]      0.526192 
_atom_sites.fract_transf_vector[3]      0.119615 
# 
loop_
_atom_type.symbol 
C 
N 
O 
P 
# 
loop_
_atom_site.group_PDB 
_atom_site.id 
_atom_site.type_symbol 
_atom_site.label_atom_id 
_atom_site.label_alt_id 
_atom_site.label_comp_id 
_atom_site.label_asym_id 
_atom_site.label_entity_id 
_atom_site.label_seq_id 
_atom_site.pdbx_PDB_ins_code 
_atom_site.Cartn_x 
_atom_site.Cartn_y 
_atom_site.Cartn_z 
_atom_site.occupancy 
_atom_site.B_iso_or_equiv 
_atom_site.pdbx_formal_charge 
_atom_site.auth_seq_id 
_atom_site.auth_comp_id 
_atom_site.auth_asym_id 
_atom_site.auth_atom_id 
_atom_site.pdbx_PDB_model_num 
ATOM   1   O "O5'" . DC  A 1 1  ? -10.371 -18.934 -3.094  1.00 34.27 ? 1  DC  A "O5'" 1 
ATOM   2   C "C5'" . DC  A 1 1  ? -8.943  -19.225 -3.207  1.00 35.69 ? 1  DC  A "C5'" 1 
ATOM   3   C "C4'" . DC  A 1 1  ? -8.365  -18.981 -1.820  1.00 31.84 ? 1  DC  A "C4'" 1 
ATOM   4   O "O4'" . DC  A 1 1  ? -6.954  -19.175 -1.823  1.00 36.52 ? 1  DC  A "O4'" 1 
ATOM   5   C "C3'" . DC  A 1 1  ? -8.554  -17.576 -1.302  1.00 34.20 ? 1  DC  A "C3'" 1 
ATOM   6   O "O3'" . DC  A 1 1  ? -8.757  -17.534 0.111   1.00 43.62 ? 1  DC  A "O3'" 1 
ATOM   7   C "C2'" . DC  A 1 1  ? -7.239  -16.890 -1.703  1.00 40.59 ? 1  DC  A "C2'" 1 
ATOM   8   C "C1'" . DC  A 1 1  ? -6.274  -17.983 -1.343  1.00 31.35 ? 1  DC  A "C1'" 1 
ATOM   9   N N1    . DC  A 1 1  ? -4.953  -17.871 -1.972  1.00 27.40 ? 1  DC  A N1    1 
ATOM   10  C C2    . DC  A 1 1  ? -3.831  -18.167 -1.200  1.00 21.16 ? 1  DC  A C2    1 
ATOM   11  O O2    . DC  A 1 1  ? -3.970  -18.469 -0.008  1.00 19.00 ? 1  DC  A O2    1 
ATOM   12  N N3    . DC  A 1 1  ? -2.608  -18.133 -1.805  1.00 15.01 ? 1  DC  A N3    1 
ATOM   13  C C4    . DC  A 1 1  ? -2.456  -17.787 -3.099  1.00 19.07 ? 1  DC  A C4    1 
ATOM   14  N N4    . DC  A 1 1  ? -1.256  -17.719 -3.683  1.00 17.50 ? 1  DC  A N4    1 
ATOM   15  C C5    . DC  A 1 1  ? -3.609  -17.499 -3.883  1.00 29.12 ? 1  DC  A C5    1 
ATOM   16  C C6    . DC  A 1 1  ? -4.814  -17.570 -3.291  1.00 25.66 ? 1  DC  A C6    1 
ATOM   17  P P     . DG  A 1 2  ? -9.358  -16.130 0.682   1.00 47.96 ? 2  DG  A P     1 
ATOM   18  O OP1   . DG  A 1 2  ? -10.805 -16.350 1.037   1.00 40.21 ? 2  DG  A OP1   1 
ATOM   19  O OP2   . DG  A 1 2  ? -9.170  -15.243 -0.501  1.00 37.09 ? 2  DG  A OP2   1 
ATOM   20  O "O5'" . DG  A 1 2  ? -8.493  -15.789 1.948   1.00 35.59 ? 2  DG  A "O5'" 1 
ATOM   21  C "C5'" . DG  A 1 2  ? -7.867  -16.831 2.759   1.00 37.19 ? 2  DG  A "C5'" 1 
ATOM   22  C "C4'" . DG  A 1 2  ? -6.908  -16.007 3.585   1.00 32.05 ? 2  DG  A "C4'" 1 
ATOM   23  O "O4'" . DG  A 1 2  ? -5.624  -15.971 2.987   1.00 29.12 ? 2  DG  A "O4'" 1 
ATOM   24  C "C3'" . DG  A 1 2  ? -7.323  -14.545 3.667   1.00 29.24 ? 2  DG  A "C3'" 1 
ATOM   25  O "O3'" . DG  A 1 2  ? -6.684  -13.841 4.698   1.00 44.11 ? 2  DG  A "O3'" 1 
ATOM   26  C "C2'" . DG  A 1 2  ? -6.864  -14.130 2.254   1.00 25.60 ? 2  DG  A "C2'" 1 
ATOM   27  C "C1'" . DG  A 1 2  ? -5.433  -14.669 2.421   1.00 19.66 ? 2  DG  A "C1'" 1 
ATOM   28  N N9    . DG  A 1 2  ? -4.740  -14.627 1.139   1.00 20.64 ? 2  DG  A N9    1 
ATOM   29  C C8    . DG  A 1 2  ? -5.254  -14.335 -0.097  1.00 15.97 ? 2  DG  A C8    1 
ATOM   30  N N7    . DG  A 1 2  ? -4.354  -14.342 -1.069  1.00 13.47 ? 2  DG  A N7    1 
ATOM   31  C C5    . DG  A 1 2  ? -3.164  -14.642 -0.402  1.00 13.59 ? 2  DG  A C5    1 
ATOM   32  C C6    . DG  A 1 2  ? -1.838  -14.784 -0.878  1.00 10.35 ? 2  DG  A C6    1 
ATOM   33  O O6    . DG  A 1 2  ? -1.464  -14.667 -2.047  1.00 14.14 ? 2  DG  A O6    1 
ATOM   34  N N1    . DG  A 1 2  ? -0.900  -15.087 0.080   1.00 4.67  ? 2  DG  A N1    1 
ATOM   35  C C2    . DG  A 1 2  ? -1.252  -15.245 1.390   1.00 12.22 ? 2  DG  A C2    1 
ATOM   36  N N2    . DG  A 1 2  ? -0.257  -15.539 2.236   1.00 13.37 ? 2  DG  A N2    1 
ATOM   37  N N3    . DG  A 1 2  ? -2.488  -15.127 1.897   1.00 9.54  ? 2  DG  A N3    1 
ATOM   38  C C4    . DG  A 1 2  ? -3.386  -14.828 0.951   1.00 12.05 ? 2  DG  A C4    1 
ATOM   39  P P     . DC  A 1 3  ? -7.274  -12.664 5.607   1.00 44.50 ? 3  DC  A P     1 
ATOM   40  O OP1   . DC  A 1 3  ? -8.360  -13.189 6.485   1.00 47.15 ? 3  DC  A OP1   1 
ATOM   41  O OP2   . DC  A 1 3  ? -7.749  -11.671 4.607   1.00 42.93 ? 3  DC  A OP2   1 
ATOM   42  O "O5'" . DC  A 1 3  ? -6.002  -12.152 6.426   1.00 40.31 ? 3  DC  A "O5'" 1 
ATOM   43  C "C5'" . DC  A 1 3  ? -5.005  -13.090 6.896   1.00 34.50 ? 3  DC  A "C5'" 1 
ATOM   44  C "C4'" . DC  A 1 3  ? -3.623  -12.629 6.482   1.00 22.02 ? 3  DC  A "C4'" 1 
ATOM   45  O "O4'" . DC  A 1 3  ? -3.463  -12.831 5.094   1.00 15.52 ? 3  DC  A "O4'" 1 
ATOM   46  C "C3'" . DC  A 1 3  ? -3.308  -11.153 6.646   1.00 21.42 ? 3  DC  A "C3'" 1 
ATOM   47  O "O3'" . DC  A 1 3  ? -2.874  -10.804 7.969   1.00 18.67 ? 3  DC  A "O3'" 1 
ATOM   48  C "C2'" . DC  A 1 3  ? -2.199  -10.892 5.634   1.00 9.44  ? 3  DC  A "C2'" 1 
ATOM   49  C "C1'" . DC  A 1 3  ? -2.320  -12.011 4.674   1.00 14.46 ? 3  DC  A "C1'" 1 
ATOM   50  N N1    . DC  A 1 3  ? -2.569  -11.599 3.274   1.00 12.02 ? 3  DC  A N1    1 
ATOM   51  C C2    . DC  A 1 3  ? -1.489  -11.628 2.403   1.00 14.11 ? 3  DC  A C2    1 
ATOM   52  O O2    . DC  A 1 3  ? -0.360  -11.925 2.822   1.00 22.41 ? 3  DC  A O2    1 
ATOM   53  N N3    . DC  A 1 3  ? -1.721  -11.292 1.109   1.00 9.85  ? 3  DC  A N3    1 
ATOM   54  C C4    . DC  A 1 3  ? -2.962  -10.997 0.653   1.00 10.64 ? 3  DC  A C4    1 
ATOM   55  N N4    . DC  A 1 3  ? -3.126  -10.704 -0.641  1.00 15.76 ? 3  DC  A N4    1 
ATOM   56  C C5    . DC  A 1 3  ? -4.067  -10.988 1.547   1.00 12.23 ? 3  DC  A C5    1 
ATOM   57  C C6    . DC  A 1 3  ? -3.828  -11.309 2.824   1.00 12.68 ? 3  DC  A C6    1 
ATOM   58  P P     . DA  A 1 4  ? -2.542  -9.261  8.288   1.00 25.91 ? 4  DA  A P     1 
ATOM   59  O OP1   . DA  A 1 4  ? -2.757  -9.074  9.760   1.00 27.20 ? 4  DA  A OP1   1 
ATOM   60  O OP2   . DA  A 1 4  ? -3.508  -8.466  7.495   1.00 12.16 ? 4  DA  A OP2   1 
ATOM   61  O "O5'" . DA  A 1 4  ? -0.997  -9.126  7.859   1.00 16.27 ? 4  DA  A "O5'" 1 
ATOM   62  C "C5'" . DA  A 1 4  ? -0.081  -9.858  8.730   1.00 21.25 ? 4  DA  A "C5'" 1 
ATOM   63  C "C4'" . DA  A 1 4  ? 1.336   -9.639  8.317   1.00 24.56 ? 4  DA  A "C4'" 1 
ATOM   64  O "O4'" . DA  A 1 4  ? 1.492   -9.732  6.902   1.00 29.25 ? 4  DA  A "O4'" 1 
ATOM   65  C "C3'" . DA  A 1 4  ? 1.888   -8.238  8.625   1.00 31.93 ? 4  DA  A "C3'" 1 
ATOM   66  O "O3'" . DA  A 1 4  ? 3.297   -8.269  8.674   1.00 33.14 ? 4  DA  A "O3'" 1 
ATOM   67  C "C2'" . DA  A 1 4  ? 1.228   -7.468  7.472   1.00 29.61 ? 4  DA  A "C2'" 1 
ATOM   68  C "C1'" . DA  A 1 4  ? 1.565   -8.414  6.319   1.00 27.01 ? 4  DA  A "C1'" 1 
ATOM   69  N N9    . DA  A 1 4  ? 0.647   -8.235  5.200   1.00 24.40 ? 4  DA  A N9    1 
ATOM   70  C C8    . DA  A 1 4  ? -0.654  -7.792  5.242   1.00 25.81 ? 4  DA  A C8    1 
ATOM   71  N N7    . DA  A 1 4  ? -1.240  -7.733  4.065   1.00 23.87 ? 4  DA  A N7    1 
ATOM   72  C C5    . DA  A 1 4  ? -0.262  -8.206  3.189   1.00 22.69 ? 4  DA  A C5    1 
ATOM   73  C C6    . DA  A 1 4  ? -0.282  -8.391  1.785   1.00 20.79 ? 4  DA  A C6    1 
ATOM   74  N N6    . DA  A 1 4  ? -1.328  -8.142  1.030   1.00 12.72 ? 4  DA  A N6    1 
ATOM   75  N N1    . DA  A 1 4  ? 0.876   -8.879  1.238   1.00 22.62 ? 4  DA  A N1    1 
ATOM   76  C C2    . DA  A 1 4  ? 1.963   -9.144  2.023   1.00 21.04 ? 4  DA  A C2    1 
ATOM   77  N N3    . DA  A 1 4  ? 2.048   -8.984  3.346   1.00 24.18 ? 4  DA  A N3    1 
ATOM   78  C C4    . DA  A 1 4  ? 0.897   -8.521  3.870   1.00 24.06 ? 4  DA  A C4    1 
ATOM   79  P P     . DA  A 1 5  ? 4.309   -7.036  8.754   1.00 40.29 ? 5  DA  A P     1 
ATOM   80  O OP1   . DA  A 1 5  ? 5.547   -7.392  9.544   1.00 33.53 ? 5  DA  A OP1   1 
ATOM   81  O OP2   . DA  A 1 5  ? 3.482   -5.980  9.370   1.00 53.27 ? 5  DA  A OP2   1 
ATOM   82  O "O5'" . DA  A 1 5  ? 4.743   -6.730  7.239   1.00 38.80 ? 5  DA  A "O5'" 1 
ATOM   83  C "C5'" . DA  A 1 5  ? 4.955   -7.928  6.409   1.00 44.38 ? 5  DA  A "C5'" 1 
ATOM   84  C "C4'" . DA  A 1 5  ? 5.759   -7.467  5.231   1.00 32.31 ? 5  DA  A "C4'" 1 
ATOM   85  O "O4'" . DA  A 1 5  ? 4.907   -7.361  4.086   1.00 35.36 ? 5  DA  A "O4'" 1 
ATOM   86  C "C3'" . DA  A 1 5  ? 6.336   -6.067  5.361   1.00 27.14 ? 5  DA  A "C3'" 1 
ATOM   87  O "O3'" . DA  A 1 5  ? 7.146   -5.651  4.297   1.00 32.51 ? 5  DA  A "O3'" 1 
ATOM   88  C "C2'" . DA  A 1 5  ? 4.961   -5.365  5.356   1.00 20.06 ? 5  DA  A "C2'" 1 
ATOM   89  C "C1'" . DA  A 1 5  ? 4.552   -5.964  4.001   1.00 17.46 ? 5  DA  A "C1'" 1 
ATOM   90  N N9    . DA  A 1 5  ? 3.138   -5.699  3.787   1.00 9.28  ? 5  DA  A N9    1 
ATOM   91  C C8    . DA  A 1 5  ? 2.167   -5.493  4.725   1.00 10.24 ? 5  DA  A C8    1 
ATOM   92  N N7    . DA  A 1 5  ? 0.997   -5.214  4.200   1.00 19.13 ? 5  DA  A N7    1 
ATOM   93  C C5    . DA  A 1 5  ? 1.214   -5.245  2.824   1.00 15.21 ? 5  DA  A C5    1 
ATOM   94  C C6    . DA  A 1 5  ? 0.335   -5.065  1.729   1.00 20.05 ? 5  DA  A C6    1 
ATOM   95  N N6    . DA  A 1 5  ? -0.959  -4.787  1.858   1.00 20.83 ? 5  DA  A N6    1 
ATOM   96  N N1    . DA  A 1 5  ? 0.921   -5.191  0.493   1.00 11.03 ? 5  DA  A N1    1 
ATOM   97  C C2    . DA  A 1 5  ? 2.235   -5.457  0.351   1.00 8.75  ? 5  DA  A C2    1 
ATOM   98  N N3    . DA  A 1 5  ? 3.112   -5.632  1.344   1.00 19.22 ? 5  DA  A N3    1 
ATOM   99  C C4    . DA  A 1 5  ? 2.532   -5.516  2.557   1.00 13.09 ? 5  DA  A C4    1 
ATOM   100 P P     . DA  A 1 6  ? 8.589   -4.951  4.381   1.00 39.35 ? 6  DA  A P     1 
ATOM   101 O OP1   . DA  A 1 6  ? 9.660   -6.020  4.418   1.00 30.95 ? 6  DA  A OP1   1 
ATOM   102 O OP2   . DA  A 1 6  ? 8.489   -4.109  5.589   1.00 7.21  ? 6  DA  A OP2   1 
ATOM   103 O "O5'" . DA  A 1 6  ? 8.671   -4.180  2.972   1.00 36.88 ? 6  DA  A "O5'" 1 
ATOM   104 C "C5'" . DA  A 1 6  ? 8.652   -4.997  1.766   1.00 37.71 ? 6  DA  A "C5'" 1 
ATOM   105 C "C4'" . DA  A 1 6  ? 7.969   -4.247  0.631   1.00 35.72 ? 6  DA  A "C4'" 1 
ATOM   106 O "O4'" . DA  A 1 6  ? 6.603   -4.048  0.956   1.00 37.77 ? 6  DA  A "O4'" 1 
ATOM   107 C "C3'" . DA  A 1 6  ? 8.512   -2.851  0.321   1.00 27.15 ? 6  DA  A "C3'" 1 
ATOM   108 O "O3'" . DA  A 1 6  ? 8.833   -2.727  -1.075  1.00 19.63 ? 6  DA  A "O3'" 1 
ATOM   109 C "C2'" . DA  A 1 6  ? 7.410   -1.890  0.771   1.00 18.22 ? 6  DA  A "C2'" 1 
ATOM   110 C "C1'" . DA  A 1 6  ? 6.201   -2.720  0.495   1.00 17.33 ? 6  DA  A "C1'" 1 
ATOM   111 N N9    . DA  A 1 6  ? 4.959   -2.395  1.194   1.00 11.28 ? 6  DA  A N9    1 
ATOM   112 C C8    . DA  A 1 6  ? 4.744   -2.201  2.531   1.00 8.15  ? 6  DA  A C8    1 
ATOM   113 N N7    . DA  A 1 6  ? 3.467   -2.007  2.817   1.00 17.39 ? 6  DA  A N7    1 
ATOM   114 C C5    . DA  A 1 6  ? 2.807   -2.102  1.598   1.00 13.92 ? 6  DA  A C5    1 
ATOM   115 C C6    . DA  A 1 6  ? 1.436   -1.961  1.244   1.00 12.39 ? 6  DA  A C6    1 
ATOM   116 N N6    . DA  A 1 6  ? 0.471   -1.714  2.103   1.00 11.92 ? 6  DA  A N6    1 
ATOM   117 N N1    . DA  A 1 6  ? 1.166   -2.100  -0.079  1.00 9.34  ? 6  DA  A N1    1 
ATOM   118 C C2    . DA  A 1 6  ? 2.147   -2.350  -0.998  1.00 14.26 ? 6  DA  A C2    1 
ATOM   119 N N3    . DA  A 1 6  ? 3.446   -2.489  -0.723  1.00 18.27 ? 6  DA  A N3    1 
ATOM   120 C C4    . DA  A 1 6  ? 3.716   -2.357  0.593   1.00 10.77 ? 6  DA  A C4    1 
ATOM   121 P P     . DT  A 1 7  ? 9.722   -1.453  -1.499  1.00 31.13 ? 7  DT  A P     1 
ATOM   122 O OP1   . DT  A 1 7  ? 11.055  -1.808  -2.047  1.00 29.48 ? 7  DT  A OP1   1 
ATOM   123 O OP2   . DT  A 1 7  ? 9.820   -0.755  -0.186  1.00 35.14 ? 7  DT  A OP2   1 
ATOM   124 O "O5'" . DT  A 1 7  ? 8.791   -0.724  -2.580  1.00 30.31 ? 7  DT  A "O5'" 1 
ATOM   125 C "C5'" . DT  A 1 7  ? 7.581   -1.446  -2.926  1.00 34.32 ? 7  DT  A "C5'" 1 
ATOM   126 C "C4'" . DT  A 1 7  ? 6.492   -0.451  -3.255  1.00 36.48 ? 7  DT  A "C4'" 1 
ATOM   127 O "O4'" . DT  A 1 7  ? 5.527   -0.393  -2.211  1.00 44.72 ? 7  DT  A "O4'" 1 
ATOM   128 C "C3'" . DT  A 1 7  ? 6.958   0.995   -3.441  1.00 30.73 ? 7  DT  A "C3'" 1 
ATOM   129 O "O3'" . DT  A 1 7  ? 6.505   1.397   -4.708  1.00 27.67 ? 7  DT  A "O3'" 1 
ATOM   130 C "C2'" . DT  A 1 7  ? 6.341   1.782   -2.293  1.00 32.76 ? 7  DT  A "C2'" 1 
ATOM   131 C "C1'" . DT  A 1 7  ? 5.084   0.988   -2.088  1.00 30.26 ? 7  DT  A "C1'" 1 
ATOM   132 N N1    . DT  A 1 7  ? 4.424   1.150   -0.786  1.00 18.44 ? 7  DT  A N1    1 
ATOM   133 C C2    . DT  A 1 7  ? 3.048   1.265   -0.855  1.00 18.51 ? 7  DT  A C2    1 
ATOM   134 O O2    . DT  A 1 7  ? 2.426   1.254   -1.916  1.00 32.09 ? 7  DT  A O2    1 
ATOM   135 N N3    . DT  A 1 7  ? 2.353   1.392   0.315   1.00 21.18 ? 7  DT  A N3    1 
ATOM   136 C C4    . DT  A 1 7  ? 2.974   1.395   1.528   1.00 15.68 ? 7  DT  A C4    1 
ATOM   137 O O4    . DT  A 1 7  ? 2.209   1.504   2.526   1.00 17.65 ? 7  DT  A O4    1 
ATOM   138 C C5    . DT  A 1 7  ? 4.393   1.272   1.575   1.00 19.16 ? 7  DT  A C5    1 
ATOM   139 C C7    . DT  A 1 7  ? 5.073   1.278   2.916   1.00 18.44 ? 7  DT  A C7    1 
ATOM   140 C C6    . DT  A 1 7  ? 5.064   1.139   0.419   1.00 17.21 ? 7  DT  A C6    1 
ATOM   141 P P     . DT  A 1 8  ? 7.045   2.589   -5.598  1.00 31.15 ? 8  DT  A P     1 
ATOM   142 O OP1   . DT  A 1 8  ? 7.393   2.099   -6.973  1.00 21.97 ? 8  DT  A OP1   1 
ATOM   143 O OP2   . DT  A 1 8  ? 8.210   3.133   -4.865  1.00 40.48 ? 8  DT  A OP2   1 
ATOM   144 O "O5'" . DT  A 1 8  ? 5.765   3.571   -5.616  1.00 31.25 ? 8  DT  A "O5'" 1 
ATOM   145 C "C5'" . DT  A 1 8  ? 4.783   3.288   -6.656  1.00 35.08 ? 8  DT  A "C5'" 1 
ATOM   146 C "C4'" . DT  A 1 8  ? 3.477   3.807   -6.089  1.00 35.51 ? 8  DT  A "C4'" 1 
ATOM   147 O "O4'" . DT  A 1 8  ? 3.363   3.512   -4.706  1.00 34.63 ? 8  DT  A "O4'" 1 
ATOM   148 C "C3'" . DT  A 1 8  ? 3.380   5.321   -6.233  1.00 36.93 ? 8  DT  A "C3'" 1 
ATOM   149 O "O3'" . DT  A 1 8  ? 2.240   5.694   -7.008  1.00 43.05 ? 8  DT  A "O3'" 1 
ATOM   150 C "C2'" . DT  A 1 8  ? 3.336   5.814   -4.790  1.00 36.26 ? 8  DT  A "C2'" 1 
ATOM   151 C "C1'" . DT  A 1 8  ? 2.669   4.636   -4.103  1.00 25.36 ? 8  DT  A "C1'" 1 
ATOM   152 N N1    . DT  A 1 8  ? 2.795   4.713   -2.650  1.00 8.64  ? 8  DT  A N1    1 
ATOM   153 C C2    . DT  A 1 8  ? 1.621   4.826   -1.894  1.00 14.14 ? 8  DT  A C2    1 
ATOM   154 O O2    . DT  A 1 8  ? 0.503   4.888   -2.423  1.00 9.09  ? 8  DT  A O2    1 
ATOM   155 N N3    . DT  A 1 8  ? 1.752   4.850   -0.535  1.00 3.65  ? 8  DT  A N3    1 
ATOM   156 C C4    . DT  A 1 8  ? 2.954   4.816   0.082   1.00 10.96 ? 8  DT  A C4    1 
ATOM   157 O O4    . DT  A 1 8  ? 2.977   4.886   1.343   1.00 11.95 ? 8  DT  A O4    1 
ATOM   158 C C5    . DT  A 1 8  ? 4.140   4.698   -0.703  1.00 19.19 ? 8  DT  A C5    1 
ATOM   159 C C7    . DT  A 1 8  ? 5.493   4.614   -0.059  1.00 14.18 ? 8  DT  A C7    1 
ATOM   160 C C6    . DT  A 1 8  ? 4.001   4.653   -2.042  1.00 12.68 ? 8  DT  A C6    1 
ATOM   161 P P     . DI  A 1 9  ? 2.303   6.989   -7.958  1.00 52.02 ? 9  DI  A P     1 
ATOM   162 O OP1   . DI  A 1 9  ? 3.067   6.651   -9.206  1.00 56.46 ? 9  DI  A OP1   1 
ATOM   163 O OP2   . DI  A 1 9  ? 2.932   7.994   -7.070  1.00 57.35 ? 9  DI  A OP2   1 
ATOM   164 O "O5'" . DI  A 1 9  ? 0.782   7.296   -8.312  1.00 58.06 ? 9  DI  A "O5'" 1 
ATOM   165 C "C5'" . DI  A 1 9  ? -0.182  6.273   -7.898  1.00 63.77 ? 9  DI  A "C5'" 1 
ATOM   166 C "C4'" . DI  A 1 9  ? -1.221  7.067   -7.134  1.00 62.05 ? 9  DI  A "C4'" 1 
ATOM   167 O "O4'" . DI  A 1 9  ? -1.076  6.939   -5.730  1.00 57.56 ? 9  DI  A "O4'" 1 
ATOM   168 C "C3'" . DI  A 1 9  ? -1.112  8.572   -7.430  1.00 61.52 ? 9  DI  A "C3'" 1 
ATOM   169 O "O3'" . DI  A 1 9  ? -2.419  9.102   -7.637  1.00 61.99 ? 9  DI  A "O3'" 1 
ATOM   170 C "C2'" . DI  A 1 9  ? -0.348  9.078   -6.203  1.00 51.57 ? 9  DI  A "C2'" 1 
ATOM   171 C "C1'" . DI  A 1 9  ? -1.123  8.266   -5.155  1.00 45.28 ? 9  DI  A "C1'" 1 
ATOM   172 N N9    . DI  A 1 9  ? -0.530  8.263   -3.875  1.00 39.65 ? 9  DI  A N9    1 
ATOM   173 C C8    . DI  A 1 9  ? -1.187  8.096   -2.656  1.00 36.67 ? 9  DI  A C8    1 
ATOM   174 N N7    . DI  A 1 9  ? -0.383  8.145   -1.604  1.00 30.38 ? 9  DI  A N7    1 
ATOM   175 C C5    . DI  A 1 9  ? 0.834   8.340   -2.179  1.00 34.71 ? 9  DI  A C5    1 
ATOM   176 C C6    . DI  A 1 9  ? 2.131   8.486   -1.596  1.00 38.19 ? 9  DI  A C6    1 
ATOM   177 O O6    . DI  A 1 9  ? 2.324   8.430   -0.352  1.00 37.29 ? 9  DI  A O6    1 
ATOM   178 N N1    . DI  A 1 9  ? 3.162   8.681   -2.427  1.00 40.30 ? 9  DI  A N1    1 
ATOM   179 C C2    . DI  A 1 9  ? 2.931   8.727   -3.757  1.00 36.18 ? 9  DI  A C2    1 
ATOM   180 N N3    . DI  A 1 9  ? 1.781   8.612   -4.438  1.00 28.45 ? 9  DI  A N3    1 
ATOM   181 C C4    . DI  A 1 9  ? 0.779   8.417   -3.545  1.00 34.55 ? 9  DI  A C4    1 
ATOM   182 P P     . DG  A 1 10 ? -2.667  10.373  -8.589  1.00 65.40 ? 10 DG  A P     1 
ATOM   183 O OP1   . DG  A 1 10 ? -3.425  9.936   -9.796  1.00 55.52 ? 10 DG  A OP1   1 
ATOM   184 O OP2   . DG  A 1 10 ? -1.305  10.922  -8.819  1.00 63.86 ? 10 DG  A OP2   1 
ATOM   185 O "O5'" . DG  A 1 10 ? -3.545  11.331  -7.635  1.00 51.58 ? 10 DG  A "O5'" 1 
ATOM   186 C "C5'" . DG  A 1 10 ? -4.609  10.627  -6.925  1.00 47.36 ? 10 DG  A "C5'" 1 
ATOM   187 C "C4'" . DG  A 1 10 ? -4.732  11.295  -5.580  1.00 38.79 ? 10 DG  A "C4'" 1 
ATOM   188 O "O4'" . DG  A 1 10 ? -3.650  10.867  -4.752  1.00 38.28 ? 10 DG  A "O4'" 1 
ATOM   189 C "C3'" . DG  A 1 10 ? -4.630  12.814  -5.572  1.00 29.89 ? 10 DG  A "C3'" 1 
ATOM   190 O "O3'" . DG  A 1 10 ? -5.372  13.373  -4.500  1.00 27.84 ? 10 DG  A "O3'" 1 
ATOM   191 C "C2'" . DG  A 1 10 ? -3.127  13.022  -5.408  1.00 21.11 ? 10 DG  A "C2'" 1 
ATOM   192 C "C1'" . DG  A 1 10 ? -3.045  12.053  -4.219  1.00 27.89 ? 10 DG  A "C1'" 1 
ATOM   193 N N9    . DG  A 1 10 ? -1.673  11.913  -3.768  1.00 30.17 ? 10 DG  A N9    1 
ATOM   194 C C8    . DG  A 1 10 ? -0.524  11.875  -4.512  1.00 34.31 ? 10 DG  A C8    1 
ATOM   195 N N7    . DG  A 1 10 ? 0.567   11.752  -3.805  1.00 35.04 ? 10 DG  A N7    1 
ATOM   196 C C5    . DG  A 1 10 ? 0.108   11.709  -2.484  1.00 31.01 ? 10 DG  A C5    1 
ATOM   197 C C6    . DG  A 1 10 ? 0.802   11.609  -1.250  1.00 30.10 ? 10 DG  A C6    1 
ATOM   198 O O6    . DG  A 1 10 ? 2.040   11.515  -1.127  1.00 28.06 ? 10 DG  A O6    1 
ATOM   199 N N1    . DG  A 1 10 ? -0.010  11.605  -0.134  1.00 24.82 ? 10 DG  A N1    1 
ATOM   200 C C2    . DG  A 1 10 ? -1.364  11.691  -0.248  1.00 20.84 ? 10 DG  A C2    1 
ATOM   201 N N2    . DG  A 1 10 ? -2.074  11.672  0.889   1.00 27.61 ? 10 DG  A N2    1 
ATOM   202 N N3    . DG  A 1 10 ? -2.071  11.787  -1.370  1.00 20.61 ? 10 DG  A N3    1 
ATOM   203 C C4    . DG  A 1 10 ? -1.267  11.810  -2.452  1.00 25.82 ? 10 DG  A C4    1 
ATOM   204 P P     . DC  A 1 11 ? -6.677  14.254  -4.840  1.00 48.39 ? 11 DC  A P     1 
ATOM   205 O OP1   . DC  A 1 11 ? -7.486  13.467  -5.842  1.00 48.67 ? 11 DC  A OP1   1 
ATOM   206 O OP2   . DC  A 1 11 ? -6.186  15.556  -5.347  1.00 30.54 ? 11 DC  A OP2   1 
ATOM   207 O "O5'" . DC  A 1 11 ? -7.428  14.292  -3.433  1.00 49.82 ? 11 DC  A "O5'" 1 
ATOM   208 C "C5'" . DC  A 1 11 ? -7.638  12.959  -2.851  1.00 50.94 ? 11 DC  A "C5'" 1 
ATOM   209 C "C4'" . DC  A 1 11 ? -7.342  13.085  -1.371  1.00 50.97 ? 11 DC  A "C4'" 1 
ATOM   210 O "O4'" . DC  A 1 11 ? -5.948  13.213  -1.148  1.00 43.44 ? 11 DC  A "O4'" 1 
ATOM   211 C "C3'" . DC  A 1 11 ? -7.956  14.304  -0.672  1.00 50.57 ? 11 DC  A "C3'" 1 
ATOM   212 O "O3'" . DC  A 1 11 ? -8.285  13.963  0.658   1.00 57.11 ? 11 DC  A "O3'" 1 
ATOM   213 C "C2'" . DC  A 1 11 ? -6.861  15.361  -0.812  1.00 40.89 ? 11 DC  A "C2'" 1 
ATOM   214 C "C1'" . DC  A 1 11 ? -5.687  14.495  -0.493  1.00 32.79 ? 11 DC  A "C1'" 1 
ATOM   215 N N1    . DC  A 1 11 ? -4.372  14.925  -0.992  1.00 21.54 ? 11 DC  A N1    1 
ATOM   216 C C2    . DC  A 1 11 ? -3.332  14.837  -0.072  1.00 20.90 ? 11 DC  A C2    1 
ATOM   217 O O2    . DC  A 1 11 ? -3.556  14.480  1.094   1.00 25.45 ? 11 DC  A O2    1 
ATOM   218 N N3    . DC  A 1 11 ? -2.084  15.155  -0.506  1.00 19.04 ? 11 DC  A N3    1 
ATOM   219 C C4    . DC  A 1 11 ? -1.826  15.519  -1.776  1.00 20.33 ? 11 DC  A C4    1 
ATOM   220 N N4    . DC  A 1 11 ? -0.589  15.822  -2.166  1.00 23.28 ? 11 DC  A N4    1 
ATOM   221 C C5    . DC  A 1 11 ? -2.893  15.593  -2.720  1.00 21.66 ? 11 DC  A C5    1 
ATOM   222 C C6    . DC  A 1 11 ? -4.130  15.271  -2.279  1.00 20.13 ? 11 DC  A C6    1 
ATOM   223 P P     . DG  A 1 12 ? -9.323  14.758  1.586   1.00 65.25 ? 12 DG  A P     1 
ATOM   224 O OP1   . DG  A 1 12 ? -9.997  13.802  2.532   1.00 59.79 ? 12 DG  A OP1   1 
ATOM   225 O OP2   . DG  A 1 12 ? -10.258 15.405  0.630   1.00 57.34 ? 12 DG  A OP2   1 
ATOM   226 O "O5'" . DG  A 1 12 ? -8.361  15.804  2.325   1.00 66.60 ? 12 DG  A "O5'" 1 
ATOM   227 C "C5'" . DG  A 1 12 ? -7.233  15.307  3.112   1.00 55.78 ? 12 DG  A "C5'" 1 
ATOM   228 C "C4'" . DG  A 1 12 ? -6.876  16.446  4.059   1.00 42.84 ? 12 DG  A "C4'" 1 
ATOM   229 O "O4'" . DG  A 1 12 ? -5.552  16.871  3.795   1.00 37.64 ? 12 DG  A "O4'" 1 
ATOM   230 C "C3'" . DG  A 1 12 ? -7.765  17.674  3.912   1.00 37.22 ? 12 DG  A "C3'" 1 
ATOM   231 O "O3'" . DG  A 1 12 ? -7.999  18.368  5.149   1.00 42.97 ? 12 DG  A "O3'" 1 
ATOM   232 C "C2'" . DG  A 1 12 ? -6.996  18.518  2.919   1.00 31.17 ? 12 DG  A "C2'" 1 
ATOM   233 C "C1'" . DG  A 1 12 ? -5.572  18.222  3.327   1.00 29.47 ? 12 DG  A "C1'" 1 
ATOM   234 N N9    . DG  A 1 12 ? -4.699  18.382  2.162   1.00 20.76 ? 12 DG  A N9    1 
ATOM   235 C C8    . DG  A 1 12 ? -5.108  18.620  0.873   1.00 22.56 ? 12 DG  A C8    1 
ATOM   236 N N7    . DG  A 1 12 ? -4.121  18.703  0.023   1.00 23.63 ? 12 DG  A N7    1 
ATOM   237 C C5    . DG  A 1 12 ? -2.991  18.483  0.794   1.00 20.26 ? 12 DG  A C5    1 
ATOM   238 C C6    . DG  A 1 12 ? -1.615  18.455  0.458   1.00 20.80 ? 12 DG  A C6    1 
ATOM   239 O O6    . DG  A 1 12 ? -1.144  18.631  -0.662  1.00 24.73 ? 12 DG  A O6    1 
ATOM   240 N N1    . DG  A 1 12 ? -0.766  18.219  1.514   1.00 20.49 ? 12 DG  A N1    1 
ATOM   241 C C2    . DG  A 1 12 ? -1.244  18.029  2.775   1.00 22.13 ? 12 DG  A C2    1 
ATOM   242 N N2    . DG  A 1 12 ? -0.328  17.809  3.717   1.00 29.35 ? 12 DG  A N2    1 
ATOM   243 N N3    . DG  A 1 12 ? -2.526  18.032  3.153   1.00 25.51 ? 12 DG  A N3    1 
ATOM   244 C C4    . DG  A 1 12 ? -3.343  18.284  2.113   1.00 21.94 ? 12 DG  A C4    1 
ATOM   245 O "O5'" . DC  B 1 1  ? 8.668   19.900  0.931   1.00 48.54 ? 13 DC  B "O5'" 1 
ATOM   246 C "C5'" . DC  B 1 1  ? 7.291   20.304  1.167   1.00 42.14 ? 13 DC  B "C5'" 1 
ATOM   247 C "C4'" . DC  B 1 1  ? 6.889   19.770  2.518   1.00 32.31 ? 13 DC  B "C4'" 1 
ATOM   248 O "O4'" . DC  B 1 1  ? 5.489   19.838  2.695   1.00 30.87 ? 13 DC  B "O4'" 1 
ATOM   249 C "C3'" . DC  B 1 1  ? 7.164   18.279  2.734   1.00 40.58 ? 13 DC  B "C3'" 1 
ATOM   250 O "O3'" . DC  B 1 1  ? 7.150   17.916  4.117   1.00 47.73 ? 13 DC  B "O3'" 1 
ATOM   251 C "C2'" . DC  B 1 1  ? 6.023   17.688  1.918   1.00 31.15 ? 13 DC  B "C2'" 1 
ATOM   252 C "C1'" . DC  B 1 1  ? 4.877   18.590  2.373   1.00 25.21 ? 13 DC  B "C1'" 1 
ATOM   253 N N1    . DC  B 1 1  ? 3.898   18.678  1.289   1.00 27.08 ? 13 DC  B N1    1 
ATOM   254 C C2    . DC  B 1 1  ? 2.554   18.538  1.612   1.00 30.92 ? 13 DC  B C2    1 
ATOM   255 O O2    . DC  B 1 1  ? 2.210   18.362  2.781   1.00 28.72 ? 13 DC  B O2    1 
ATOM   256 N N3    . DC  B 1 1  ? 1.643   18.597  0.600   1.00 30.96 ? 13 DC  B N3    1 
ATOM   257 C C4    . DC  B 1 1  ? 2.021   18.783  -0.692  1.00 34.77 ? 13 DC  B C4    1 
ATOM   258 N N4    . DC  B 1 1  ? 1.117   18.829  -1.671  1.00 34.22 ? 13 DC  B N4    1 
ATOM   259 C C5    . DC  B 1 1  ? 3.400   18.924  -1.027  1.00 32.79 ? 13 DC  B C5    1 
ATOM   260 C C6    . DC  B 1 1  ? 4.279   18.864  -0.008  1.00 32.58 ? 13 DC  B C6    1 
ATOM   261 P P     . DG  B 1 2  ? 7.946   16.605  4.590   1.00 34.77 ? 14 DG  B P     1 
ATOM   262 O OP1   . DG  B 1 2  ? 9.206   16.990  5.317   1.00 52.76 ? 14 DG  B OP1   1 
ATOM   263 O OP2   . DG  B 1 2  ? 8.236   15.958  3.283   1.00 43.62 ? 14 DG  B OP2   1 
ATOM   264 O "O5'" . DG  B 1 2  ? 6.962   15.842  5.586   1.00 28.91 ? 14 DG  B "O5'" 1 
ATOM   265 C "C5'" . DG  B 1 2  ? 6.200   16.558  6.560   1.00 15.86 ? 14 DG  B "C5'" 1 
ATOM   266 C "C4'" . DG  B 1 2  ? 4.822   15.937  6.679   1.00 27.40 ? 14 DG  B "C4'" 1 
ATOM   267 O "O4'" . DG  B 1 2  ? 4.005   16.180  5.530   1.00 30.42 ? 14 DG  B "O4'" 1 
ATOM   268 C "C3'" . DG  B 1 2  ? 4.802   14.420  6.812   1.00 28.23 ? 14 DG  B "C3'" 1 
ATOM   269 O "O3'" . DG  B 1 2  ? 3.857   14.024  7.799   1.00 31.84 ? 14 DG  B "O3'" 1 
ATOM   270 C "C2'" . DG  B 1 2  ? 4.381   13.884  5.450   1.00 24.80 ? 14 DG  B "C2'" 1 
ATOM   271 C "C1'" . DG  B 1 2  ? 3.353   14.955  5.124   1.00 26.78 ? 14 DG  B "C1'" 1 
ATOM   272 N N9    . DG  B 1 2  ? 3.035   14.892  3.703   1.00 28.93 ? 14 DG  B N9    1 
ATOM   273 C C8    . DG  B 1 2  ? 3.945   14.880  2.671   1.00 23.65 ? 14 DG  B C8    1 
ATOM   274 N N7    . DG  B 1 2  ? 3.393   14.840  1.491   1.00 28.62 ? 14 DG  B N7    1 
ATOM   275 C C5    . DG  B 1 2  ? 2.027   14.808  1.753   1.00 26.11 ? 14 DG  B C5    1 
ATOM   276 C C6    . DG  B 1 2  ? 0.907   14.755  0.876   1.00 30.58 ? 14 DG  B C6    1 
ATOM   277 O O6    . DG  B 1 2  ? 0.919   14.714  -0.360  1.00 27.60 ? 14 DG  B O6    1 
ATOM   278 N N1    . DG  B 1 2  ? -0.317  14.733  1.507   1.00 31.54 ? 14 DG  B N1    1 
ATOM   279 C C2    . DG  B 1 2  ? -0.413  14.774  2.873   1.00 32.25 ? 14 DG  B C2    1 
ATOM   280 N N2    . DG  B 1 2  ? -1.661  14.747  3.364   1.00 32.66 ? 14 DG  B N2    1 
ATOM   281 N N3    . DG  B 1 2  ? 0.611   14.838  3.740   1.00 27.58 ? 14 DG  B N3    1 
ATOM   282 C C4    . DG  B 1 2  ? 1.795   14.849  3.103   1.00 23.78 ? 14 DG  B C4    1 
ATOM   283 P P     . DC  B 1 3  ? 4.286   12.858  8.833   1.00 25.05 ? 15 DC  B P     1 
ATOM   284 O OP1   . DC  B 1 3  ? 4.444   13.476  10.187  1.00 35.86 ? 15 DC  B OP1   1 
ATOM   285 O OP2   . DC  B 1 3  ? 5.500   12.317  8.179   1.00 27.25 ? 15 DC  B OP2   1 
ATOM   286 O "O5'" . DC  B 1 3  ? 3.012   11.905  8.781   1.00 34.09 ? 15 DC  B "O5'" 1 
ATOM   287 C "C5'" . DC  B 1 3  ? 1.738   12.546  9.179   1.00 28.97 ? 15 DC  B "C5'" 1 
ATOM   288 C "C4'" . DC  B 1 3  ? 0.821   12.150  8.062   1.00 20.80 ? 15 DC  B "C4'" 1 
ATOM   289 O "O4'" . DC  B 1 3  ? 1.442   12.329  6.812   1.00 22.85 ? 15 DC  B "O4'" 1 
ATOM   290 C "C3'" . DC  B 1 3  ? 0.505   10.653  8.011   1.00 18.01 ? 15 DC  B "C3'" 1 
ATOM   291 O "O3'" . DC  B 1 3  ? -0.330  10.325  9.103   1.00 30.52 ? 15 DC  B "O3'" 1 
ATOM   292 C "C2'" . DC  B 1 3  ? -0.086  10.500  6.616   1.00 14.43 ? 15 DC  B "C2'" 1 
ATOM   293 C "C1'" . DC  B 1 3  ? 0.488   11.661  5.882   1.00 17.86 ? 15 DC  B "C1'" 1 
ATOM   294 N N1    . DC  B 1 3  ? 1.249   11.423  4.640   1.00 10.27 ? 15 DC  B N1    1 
ATOM   295 C C2    . DC  B 1 3  ? 0.559   11.530  3.443   1.00 7.57  ? 15 DC  B C2    1 
ATOM   296 O O2    . DC  B 1 3  ? -0.667  11.695  3.493   1.00 20.11 ? 15 DC  B O2    1 
ATOM   297 N N3    . DC  B 1 3  ? 1.259   11.418  2.294   1.00 2.49  ? 15 DC  B N3    1 
ATOM   298 C C4    . DC  B 1 3  ? 2.592   11.192  2.282   1.00 8.07  ? 15 DC  B C4    1 
ATOM   299 N N4    . DC  B 1 3  ? 3.261   11.052  1.125   1.00 16.50 ? 15 DC  B N4    1 
ATOM   300 C C5    . DC  B 1 3  ? 3.311   11.153  3.500   1.00 4.17  ? 15 DC  B C5    1 
ATOM   301 C C6    . DC  B 1 3  ? 2.609   11.285  4.635   1.00 9.69  ? 15 DC  B C6    1 
ATOM   302 P P     . DA  B 1 4  ? -0.521  8.807   9.577   1.00 36.64 ? 16 DA  B P     1 
ATOM   303 O OP1   . DA  B 1 4  ? -0.850  8.709   11.038  1.00 43.53 ? 16 DA  B OP1   1 
ATOM   304 O OP2   . DA  B 1 4  ? 0.781   8.168   9.239   1.00 46.03 ? 16 DA  B OP2   1 
ATOM   305 O "O5'" . DA  B 1 4  ? -1.764  8.372   8.679   1.00 31.33 ? 16 DA  B "O5'" 1 
ATOM   306 C "C5'" . DA  B 1 4  ? -2.943  9.224   8.806   1.00 21.82 ? 16 DA  B "C5'" 1 
ATOM   307 C "C4'" . DA  B 1 4  ? -3.841  8.799   7.672   1.00 26.60 ? 16 DA  B "C4'" 1 
ATOM   308 O "O4'" . DA  B 1 4  ? -3.148  8.997   6.459   1.00 34.22 ? 16 DA  B "O4'" 1 
ATOM   309 C "C3'" . DA  B 1 4  ? -4.274  7.328   7.701   1.00 31.66 ? 16 DA  B "C3'" 1 
ATOM   310 O "O3'" . DA  B 1 4  ? -5.680  7.285   7.465   1.00 37.35 ? 16 DA  B "O3'" 1 
ATOM   311 C "C2'" . DA  B 1 4  ? -3.387  6.655   6.666   1.00 29.28 ? 16 DA  B "C2'" 1 
ATOM   312 C "C1'" . DA  B 1 4  ? -3.058  7.775   5.705   1.00 30.70 ? 16 DA  B "C1'" 1 
ATOM   313 N N9    . DA  B 1 4  ? -1.701  7.661   5.145   1.00 24.85 ? 16 DA  B N9    1 
ATOM   314 C C8    . DA  B 1 4  ? -0.538  7.380   5.812   1.00 22.27 ? 16 DA  B C8    1 
ATOM   315 N N7    . DA  B 1 4  ? 0.522   7.354   5.037   1.00 23.25 ? 16 DA  B N7    1 
ATOM   316 C C5    . DA  B 1 4  ? 0.021   7.662   3.778   1.00 23.26 ? 16 DA  B C5    1 
ATOM   317 C C6    . DA  B 1 4  ? 0.671   7.802   2.529   1.00 26.37 ? 16 DA  B C6    1 
ATOM   318 N N6    . DA  B 1 4  ? 1.975   7.641   2.355   1.00 21.96 ? 16 DA  B N6    1 
ATOM   319 N N1    . DA  B 1 4  ? -0.164  8.116   1.484   1.00 31.52 ? 16 DA  B N1    1 
ATOM   320 C C2    . DA  B 1 4  ? -1.505  8.273   1.652   1.00 27.13 ? 16 DA  B C2    1 
ATOM   321 N N3    . DA  B 1 4  ? -2.166  8.165   2.810   1.00 27.02 ? 16 DA  B N3    1 
ATOM   322 C C4    . DA  B 1 4  ? -1.342  7.861   3.830   1.00 23.71 ? 16 DA  B C4    1 
ATOM   323 P P     . DA  B 1 5  ? -6.613  6.010   7.255   1.00 36.11 ? 17 DA  B P     1 
ATOM   324 O OP1   . DA  B 1 5  ? -7.829  6.087   8.129   1.00 41.65 ? 17 DA  B OP1   1 
ATOM   325 O OP2   . DA  B 1 5  ? -5.706  4.882   7.592   1.00 39.38 ? 17 DA  B OP2   1 
ATOM   326 O "O5'" . DA  B 1 5  ? -7.061  6.110   5.718   1.00 28.06 ? 17 DA  B "O5'" 1 
ATOM   327 C "C5'" . DA  B 1 5  ? -6.025  6.657   4.846   1.00 21.65 ? 17 DA  B "C5'" 1 
ATOM   328 C "C4'" . DA  B 1 5  ? -6.647  6.598   3.484   1.00 32.27 ? 17 DA  B "C4'" 1 
ATOM   329 O "O4'" . DA  B 1 5  ? -5.572  6.662   2.548   1.00 39.08 ? 17 DA  B "O4'" 1 
ATOM   330 C "C3'" . DA  B 1 5  ? -7.386  5.318   3.100   1.00 36.09 ? 17 DA  B "C3'" 1 
ATOM   331 O "O3'" . DA  B 1 5  ? -8.130  5.419   1.895   1.00 40.72 ? 17 DA  B "O3'" 1 
ATOM   332 C "C2'" . DA  B 1 5  ? -6.158  4.397   3.030   1.00 34.37 ? 17 DA  B "C2'" 1 
ATOM   333 C "C1'" . DA  B 1 5  ? -5.233  5.301   2.217   1.00 33.77 ? 17 DA  B "C1'" 1 
ATOM   334 N N9    . DA  B 1 5  ? -3.826  5.027   2.519   1.00 30.32 ? 17 DA  B N9    1 
ATOM   335 C C8    . DA  B 1 5  ? -3.258  4.667   3.713   1.00 27.88 ? 17 DA  B C8    1 
ATOM   336 N N7    . DA  B 1 5  ? -1.952  4.481   3.651   1.00 26.16 ? 17 DA  B N7    1 
ATOM   337 C C5    . DA  B 1 5  ? -1.656  4.760   2.318   1.00 21.87 ? 17 DA  B C5    1 
ATOM   338 C C6    . DA  B 1 5  ? -0.427  4.729   1.616   1.00 24.32 ? 17 DA  B C6    1 
ATOM   339 N N6    . DA  B 1 5  ? 0.711   4.415   2.200   1.00 20.80 ? 17 DA  B N6    1 
ATOM   340 N N1    . DA  B 1 5  ? -0.514  5.053   0.286   1.00 23.31 ? 17 DA  B N1    1 
ATOM   341 C C2    . DA  B 1 5  ? -1.698  5.383   -0.303  1.00 22.28 ? 17 DA  B C2    1 
ATOM   342 N N3    . DA  B 1 5  ? -2.892  5.423   0.299   1.00 24.96 ? 17 DA  B N3    1 
ATOM   343 C C4    . DA  B 1 5  ? -2.793  5.095   1.606   1.00 26.93 ? 17 DA  B C4    1 
ATOM   344 P P     . DA  B 1 6  ? -9.061  4.312   1.198   1.00 37.90 ? 18 DA  B P     1 
ATOM   345 O OP1   . DA  B 1 6  ? -10.425 4.854   0.900   1.00 45.02 ? 18 DA  B OP1   1 
ATOM   346 O OP2   . DA  B 1 6  ? -9.098  3.199   2.183   1.00 44.37 ? 18 DA  B OP2   1 
ATOM   347 O "O5'" . DA  B 1 6  ? -8.318  3.967   -0.171  1.00 33.45 ? 18 DA  B "O5'" 1 
ATOM   348 C "C5'" . DA  B 1 6  ? -7.241  4.871   -0.557  1.00 34.12 ? 18 DA  B "C5'" 1 
ATOM   349 C "C4'" . DA  B 1 6  ? -6.703  4.272   -1.829  1.00 36.19 ? 18 DA  B "C4'" 1 
ATOM   350 O "O4'" . DA  B 1 6  ? -5.341  3.905   -1.691  1.00 36.38 ? 18 DA  B "O4'" 1 
ATOM   351 C "C3'" . DA  B 1 6  ? -7.397  2.962   -2.239  1.00 33.16 ? 18 DA  B "C3'" 1 
ATOM   352 O "O3'" . DA  B 1 6  ? -7.252  2.772   -3.622  1.00 42.32 ? 18 DA  B "O3'" 1 
ATOM   353 C "C2'" . DA  B 1 6  ? -6.641  2.008   -1.325  1.00 28.60 ? 18 DA  B "C2'" 1 
ATOM   354 C "C1'" . DA  B 1 6  ? -5.213  2.473   -1.577  1.00 21.64 ? 18 DA  B "C1'" 1 
ATOM   355 N N9    . DA  B 1 6  ? -4.280  2.116   -0.511  1.00 10.70 ? 18 DA  B N9    1 
ATOM   356 C C8    . DA  B 1 6  ? -4.571  1.804   0.796   1.00 15.00 ? 18 DA  B C8    1 
ATOM   357 N N7    . DA  B 1 6  ? -3.513  1.512   1.519   1.00 18.04 ? 18 DA  B N7    1 
ATOM   358 C C5    . DA  B 1 6  ? -2.445  1.682   0.638   1.00 9.33  ? 18 DA  B C5    1 
ATOM   359 C C6    . DA  B 1 6  ? -1.044  1.541   0.828   1.00 8.65  ? 18 DA  B C6    1 
ATOM   360 N N6    . DA  B 1 6  ? -0.493  1.196   1.968   1.00 16.06 ? 18 DA  B N6    1 
ATOM   361 N N1    . DA  B 1 6  ? -0.305  1.783   -0.283  1.00 16.14 ? 18 DA  B N1    1 
ATOM   362 C C2    . DA  B 1 6  ? -0.879  2.121   -1.476  1.00 19.29 ? 18 DA  B C2    1 
ATOM   363 N N3    . DA  B 1 6  ? -2.184  2.273   -1.716  1.00 14.83 ? 18 DA  B N3    1 
ATOM   364 C C4    . DA  B 1 6  ? -2.909  2.041   -0.605  1.00 11.47 ? 18 DA  B C4    1 
ATOM   365 P P     . DT  B 1 7  ? -7.716  1.519   -4.482  1.00 39.74 ? 19 DT  B P     1 
ATOM   366 O OP1   . DT  B 1 7  ? -8.514  1.950   -5.684  1.00 45.03 ? 19 DT  B OP1   1 
ATOM   367 O OP2   . DT  B 1 7  ? -8.512  0.729   -3.507  1.00 50.96 ? 19 DT  B OP2   1 
ATOM   368 O "O5'" . DT  B 1 7  ? -6.363  0.797   -4.913  1.00 52.03 ? 19 DT  B "O5'" 1 
ATOM   369 C "C5'" . DT  B 1 7  ? -5.297  1.474   -5.595  1.00 46.33 ? 19 DT  B "C5'" 1 
ATOM   370 C "C4'" . DT  B 1 7  ? -4.008  0.691   -5.410  1.00 45.63 ? 19 DT  B "C4'" 1 
ATOM   371 O "O4'" . DT  B 1 7  ? -3.782  0.468   -4.023  1.00 44.29 ? 19 DT  B "O4'" 1 
ATOM   372 C "C3'" . DT  B 1 7  ? -3.954  -0.709  -6.037  1.00 43.25 ? 19 DT  B "C3'" 1 
ATOM   373 O "O3'" . DT  B 1 7  ? -3.154  -0.708  -7.209  1.00 45.02 ? 19 DT  B "O3'" 1 
ATOM   374 C "C2'" . DT  B 1 7  ? -3.372  -1.626  -4.954  1.00 36.06 ? 19 DT  B "C2'" 1 
ATOM   375 C "C1'" . DT  B 1 7  ? -2.846  -0.654  -3.947  1.00 27.10 ? 19 DT  B "C1'" 1 
ATOM   376 N N1    . DT  B 1 7  ? -2.779  -1.125  -2.554  1.00 15.60 ? 19 DT  B N1    1 
ATOM   377 C C2    . DT  B 1 7  ? -1.486  -1.286  -2.061  1.00 18.18 ? 19 DT  B C2    1 
ATOM   378 O O2    . DT  B 1 7  ? -0.487  -1.086  -2.758  1.00 19.16 ? 19 DT  B O2    1 
ATOM   379 N N3    . DT  B 1 7  ? -1.349  -1.680  -0.758  1.00 18.64 ? 19 DT  B N3    1 
ATOM   380 C C4    . DT  B 1 7  ? -2.406  -1.889  0.058   1.00 14.71 ? 19 DT  B C4    1 
ATOM   381 O O4    . DT  B 1 7  ? -2.143  -2.230  1.247   1.00 26.68 ? 19 DT  B O4    1 
ATOM   382 C C5    . DT  B 1 7  ? -3.720  -1.712  -0.462  1.00 13.46 ? 19 DT  B C5    1 
ATOM   383 C C7    . DT  B 1 7  ? -4.910  -1.962  0.428   1.00 6.75  ? 19 DT  B C7    1 
ATOM   384 C C6    . DT  B 1 7  ? -3.845  -1.309  -1.737  1.00 13.26 ? 19 DT  B C6    1 
ATOM   385 P P     . DT  B 1 8  ? -2.983  -1.944  -8.203  1.00 53.51 ? 20 DT  B P     1 
ATOM   386 O OP1   . DT  B 1 8  ? -3.422  -1.539  -9.589  1.00 52.01 ? 20 DT  B OP1   1 
ATOM   387 O OP2   . DT  B 1 8  ? -3.813  -3.021  -7.601  1.00 46.94 ? 20 DT  B OP2   1 
ATOM   388 O "O5'" . DT  B 1 8  ? -1.417  -2.253  -8.176  1.00 37.85 ? 20 DT  B "O5'" 1 
ATOM   389 C "C5'" . DT  B 1 8  ? -0.644  -1.813  -7.038  1.00 36.60 ? 20 DT  B "C5'" 1 
ATOM   390 C "C4'" . DT  B 1 8  ? 0.533   -2.773  -6.928  1.00 44.62 ? 20 DT  B "C4'" 1 
ATOM   391 O "O4'" . DT  B 1 8  ? 0.704   -3.077  -5.542  1.00 43.11 ? 20 DT  B "O4'" 1 
ATOM   392 C "C3'" . DT  B 1 8  ? 0.426   -4.126  -7.618  1.00 45.21 ? 20 DT  B "C3'" 1 
ATOM   393 O "O3'" . DT  B 1 8  ? 1.691   -4.627  -8.087  1.00 51.52 ? 20 DT  B "O3'" 1 
ATOM   394 C "C2'" . DT  B 1 8  ? -0.182  -5.024  -6.537  1.00 35.11 ? 20 DT  B "C2'" 1 
ATOM   395 C "C1'" . DT  B 1 8  ? 0.524   -4.486  -5.320  1.00 27.50 ? 20 DT  B "C1'" 1 
ATOM   396 N N1    . DT  B 1 8  ? -0.265  -4.693  -4.102  1.00 15.94 ? 20 DT  B N1    1 
ATOM   397 C C2    . DT  B 1 8  ? 0.460   -4.892  -2.937  1.00 19.02 ? 20 DT  B C2    1 
ATOM   398 O O2    . DT  B 1 8  ? 1.697   -4.886  -2.953  1.00 21.61 ? 20 DT  B O2    1 
ATOM   399 N N3    . DT  B 1 8  ? -0.247  -5.093  -1.782  1.00 18.17 ? 20 DT  B N3    1 
ATOM   400 C C4    . DT  B 1 8  ? -1.597  -5.094  -1.736  1.00 17.27 ? 20 DT  B C4    1 
ATOM   401 O O4    . DT  B 1 8  ? -2.161  -5.292  -0.628  1.00 15.86 ? 20 DT  B O4    1 
ATOM   402 C C5    . DT  B 1 8  ? -2.318  -4.866  -2.946  1.00 22.27 ? 20 DT  B C5    1 
ATOM   403 C C7    . DT  B 1 8  ? -3.826  -4.846  -2.949  1.00 23.34 ? 20 DT  B C7    1 
ATOM   404 C C6    . DT  B 1 8  ? -1.623  -4.668  -4.082  1.00 17.03 ? 20 DT  B C6    1 
ATOM   405 P P     . DI  B 1 9  ? 1.751   -5.837  -9.158  1.00 57.97 ? 21 DI  B P     1 
ATOM   406 O OP1   . DI  B 1 9  ? 2.299   -5.339  -10.458 1.00 61.53 ? 21 DI  B OP1   1 
ATOM   407 O OP2   . DI  B 1 9  ? 0.355   -6.315  -9.193  1.00 56.46 ? 21 DI  B OP2   1 
ATOM   408 O "O5'" . DI  B 1 9  ? 2.788   -6.857  -8.483  1.00 47.79 ? 21 DI  B "O5'" 1 
ATOM   409 C "C5'" . DI  B 1 9  ? 3.750   -6.141  -7.627  1.00 46.74 ? 21 DI  B "C5'" 1 
ATOM   410 C "C4'" . DI  B 1 9  ? 4.292   -7.211  -6.720  1.00 38.62 ? 21 DI  B "C4'" 1 
ATOM   411 O "O4'" . DI  B 1 9  ? 3.714   -7.095  -5.427  1.00 27.66 ? 21 DI  B "O4'" 1 
ATOM   412 C "C3'" . DI  B 1 9  ? 3.992   -8.638  -7.235  1.00 35.38 ? 21 DI  B "C3'" 1 
ATOM   413 O "O3'" . DI  B 1 9  ? 5.078   -9.472  -6.992  1.00 41.47 ? 21 DI  B "O3'" 1 
ATOM   414 C "C2'" . DI  B 1 9  ? 2.710   -8.936  -6.429  1.00 25.23 ? 21 DI  B "C2'" 1 
ATOM   415 C "C1'" . DI  B 1 9  ? 3.313   -8.444  -5.085  1.00 28.11 ? 21 DI  B "C1'" 1 
ATOM   416 N N9    . DI  B 1 9  ? 2.414   -8.443  -4.009  1.00 25.07 ? 21 DI  B N9    1 
ATOM   417 C C8    . DI  B 1 9  ? 2.768   -8.552  -2.667  1.00 26.34 ? 21 DI  B C8    1 
ATOM   418 N N7    . DI  B 1 9  ? 1.730   -8.547  -1.833  1.00 27.85 ? 21 DI  B N7    1 
ATOM   419 C C5    . DI  B 1 9  ? 0.674   -8.429  -2.688  1.00 26.33 ? 21 DI  B C5    1 
ATOM   420 C C6    . DI  B 1 9  ? -0.728  -8.354  -2.430  1.00 28.18 ? 21 DI  B C6    1 
ATOM   421 O O6    . DI  B 1 9  ? -1.224  -8.387  -1.282  1.00 22.56 ? 21 DI  B O6    1 
ATOM   422 N N1    . DI  B 1 9  ? -1.541  -8.244  -3.483  1.00 33.51 ? 21 DI  B N1    1 
ATOM   423 C C2    . DI  B 1 9  ? -1.003  -8.201  -4.725  1.00 30.90 ? 21 DI  B C2    1 
ATOM   424 N N3    . DI  B 1 9  ? 0.283   -8.258  -5.112  1.00 26.43 ? 21 DI  B N3    1 
ATOM   425 C C4    . DI  B 1 9  ? 1.053   -8.372  -4.002  1.00 26.92 ? 21 DI  B C4    1 
ATOM   426 P P     . DG  B 1 10 ? 6.024   -10.506 -7.710  1.00 58.83 ? 22 DG  B P     1 
ATOM   427 O OP1   . DG  B 1 10 ? 7.281   -9.916  -8.286  1.00 35.40 ? 22 DG  B OP1   1 
ATOM   428 O OP2   . DG  B 1 10 ? 5.140   -11.177 -8.704  1.00 48.87 ? 22 DG  B OP2   1 
ATOM   429 O "O5'" . DG  B 1 10 ? 6.415   -11.532 -6.507  1.00 47.24 ? 22 DG  B "O5'" 1 
ATOM   430 C "C5'" . DG  B 1 10 ? 6.888   -10.930 -5.282  1.00 43.02 ? 22 DG  B "C5'" 1 
ATOM   431 C "C4'" . DG  B 1 10 ? 6.470   -11.754 -4.091  1.00 34.22 ? 22 DG  B "C4'" 1 
ATOM   432 O "O4'" . DG  B 1 10 ? 5.135   -11.438 -3.728  1.00 34.03 ? 22 DG  B "O4'" 1 
ATOM   433 C "C3'" . DG  B 1 10 ? 6.525   -13.272 -4.316  1.00 32.80 ? 22 DG  B "C3'" 1 
ATOM   434 O "O3'" . DG  B 1 10 ? 7.359   -13.844 -3.330  1.00 39.00 ? 22 DG  B "O3'" 1 
ATOM   435 C "C2'" . DG  B 1 10 ? 5.053   -13.675 -4.268  1.00 34.48 ? 22 DG  B "C2'" 1 
ATOM   436 C "C1'" . DG  B 1 10 ? 4.440   -12.638 -3.346  1.00 28.24 ? 22 DG  B "C1'" 1 
ATOM   437 N N9    . DG  B 1 10 ? 2.983   -12.490 -3.482  1.00 27.13 ? 22 DG  B N9    1 
ATOM   438 C C8    . DG  B 1 10 ? 2.223   -12.475 -4.622  1.00 22.01 ? 22 DG  B C8    1 
ATOM   439 N N7    . DG  B 1 10 ? 0.934   -12.326 -4.407  1.00 20.66 ? 22 DG  B N7    1 
ATOM   440 C C5    . DG  B 1 10 ? 0.835   -12.217 -3.025  1.00 19.71 ? 22 DG  B C5    1 
ATOM   441 C C6    . DG  B 1 10 ? -0.280  -12.014 -2.174  1.00 25.34 ? 22 DG  B C6    1 
ATOM   442 O O6    . DG  B 1 10 ? -1.468  -11.889 -2.516  1.00 28.04 ? 22 DG  B O6    1 
ATOM   443 N N1    . DG  B 1 10 ? 0.017   -11.956 -0.831  1.00 25.38 ? 22 DG  B N1    1 
ATOM   444 C C2    . DG  B 1 10 ? 1.295   -12.074 -0.379  1.00 20.55 ? 22 DG  B C2    1 
ATOM   445 N N2    . DG  B 1 10 ? 1.438   -12.006 0.955   1.00 15.98 ? 22 DG  B N2    1 
ATOM   446 N N3    . DG  B 1 10 ? 2.366   -12.253 -1.135  1.00 19.32 ? 22 DG  B N3    1 
ATOM   447 C C4    . DG  B 1 10 ? 2.076   -12.309 -2.443  1.00 19.23 ? 22 DG  B C4    1 
ATOM   448 P P     . DC  B 1 11 ? 8.299   -15.107 -3.229  1.00 39.47 ? 23 DC  B P     1 
ATOM   449 O OP1   . DC  B 1 11 ? 9.748   -14.777 -3.433  1.00 48.60 ? 23 DC  B OP1   1 
ATOM   450 O OP2   . DC  B 1 11 ? 7.839   -16.069 -4.261  1.00 42.38 ? 23 DC  B OP2   1 
ATOM   451 O "O5'" . DC  B 1 11 ? 8.041   -15.626 -1.729  1.00 40.43 ? 23 DC  B "O5'" 1 
ATOM   452 C "C5'" . DC  B 1 11 ? 7.929   -14.631 -0.686  1.00 45.47 ? 23 DC  B "C5'" 1 
ATOM   453 C "C4'" . DC  B 1 11 ? 7.053   -15.198 0.420   1.00 46.89 ? 23 DC  B "C4'" 1 
ATOM   454 O "O4'" . DC  B 1 11 ? 5.737   -14.705 0.188   1.00 45.16 ? 23 DC  B "O4'" 1 
ATOM   455 C "C3'" . DC  B 1 11 ? 6.961   -16.713 0.500   1.00 48.02 ? 23 DC  B "C3'" 1 
ATOM   456 O "O3'" . DC  B 1 11 ? 7.760   -17.286 1.553   1.00 54.88 ? 23 DC  B "O3'" 1 
ATOM   457 C "C2'" . DC  B 1 11 ? 5.480   -16.981 0.735   1.00 43.84 ? 23 DC  B "C2'" 1 
ATOM   458 C "C1'" . DC  B 1 11 ? 4.790   -15.683 0.649   1.00 32.04 ? 23 DC  B "C1'" 1 
ATOM   459 N N1    . DC  B 1 11 ? 3.706   -15.722 -0.353  1.00 27.84 ? 23 DC  B N1    1 
ATOM   460 C C2    . DC  B 1 11 ? 2.415   -15.518 0.092   1.00 21.07 ? 23 DC  B C2    1 
ATOM   461 O O2    . DC  B 1 11 ? 2.225   -15.345 1.293   1.00 21.41 ? 23 DC  B O2    1 
ATOM   462 N N3    . DC  B 1 11 ? 1.418   -15.534 -0.839  1.00 13.16 ? 23 DC  B N3    1 
ATOM   463 C C4    . DC  B 1 11 ? 1.672   -15.718 -2.152  1.00 16.82 ? 23 DC  B C4    1 
ATOM   464 N N4    . DC  B 1 11 ? 0.684   -15.718 -3.045  1.00 27.64 ? 23 DC  B N4    1 
ATOM   465 C C5    . DC  B 1 11 ? 3.004   -15.939 -2.601  1.00 22.97 ? 23 DC  B C5    1 
ATOM   466 C C6    . DC  B 1 11 ? 3.983   -15.914 -1.676  1.00 21.40 ? 23 DC  B C6    1 
ATOM   467 P P     . DG  B 1 12 ? 8.191   -18.831 1.674   1.00 56.43 ? 24 DG  B P     1 
ATOM   468 O OP1   . DG  B 1 12 ? 9.388   -18.913 2.584   1.00 59.43 ? 24 DG  B OP1   1 
ATOM   469 O OP2   . DG  B 1 12 ? 8.492   -19.340 0.306   1.00 33.55 ? 24 DG  B OP2   1 
ATOM   470 O "O5'" . DG  B 1 12 ? 6.945   -19.560 2.377   1.00 50.82 ? 24 DG  B "O5'" 1 
ATOM   471 C "C5'" . DG  B 1 12 ? 5.698   -18.825 2.455   1.00 50.40 ? 24 DG  B "C5'" 1 
ATOM   472 C "C4'" . DG  B 1 12 ? 5.160   -19.057 3.834   1.00 44.09 ? 24 DG  B "C4'" 1 
ATOM   473 O "O4'" . DG  B 1 12 ? 3.815   -18.618 3.905   1.00 47.76 ? 24 DG  B "O4'" 1 
ATOM   474 C "C3'" . DG  B 1 12 ? 5.088   -20.525 4.219   1.00 31.43 ? 24 DG  B "C3'" 1 
ATOM   475 O "O3'" . DG  B 1 12 ? 5.107   -20.705 5.631   1.00 44.94 ? 24 DG  B "O3'" 1 
ATOM   476 C "C2'" . DG  B 1 12 ? 3.781   -20.956 3.585   1.00 36.50 ? 24 DG  B "C2'" 1 
ATOM   477 C "C1'" . DG  B 1 12 ? 3.017   -19.670 3.345   1.00 34.02 ? 24 DG  B "C1'" 1 
ATOM   478 N N9    . DG  B 1 12 ? 2.794   -19.501 1.898   1.00 27.75 ? 24 DG  B N9    1 
ATOM   479 C C8    . DG  B 1 12 ? 3.706   -19.661 0.874   1.00 20.74 ? 24 DG  B C8    1 
ATOM   480 N N7    . DG  B 1 12 ? 3.188   -19.456 -0.313  1.00 24.66 ? 24 DG  B N7    1 
ATOM   481 C C5    . DG  B 1 12 ? 1.846   -19.144 -0.058  1.00 21.38 ? 24 DG  B C5    1 
ATOM   482 C C6    . DG  B 1 12 ? 0.767   -18.837 -0.919  1.00 18.71 ? 24 DG  B C6    1 
ATOM   483 O O6    . DG  B 1 12 ? 0.800   -18.772 -2.159  1.00 21.83 ? 24 DG  B O6    1 
ATOM   484 N N1    . DG  B 1 12 ? -0.434  -18.615 -0.293  1.00 13.94 ? 24 DG  B N1    1 
ATOM   485 C C2    . DG  B 1 12 ? -0.547  -18.660 1.055   1.00 19.01 ? 24 DG  B C2    1 
ATOM   486 N N2    . DG  B 1 12 ? -1.763  -18.430 1.573   1.00 24.69 ? 24 DG  B N2    1 
ATOM   487 N N3    . DG  B 1 12 ? 0.434   -18.938 1.909   1.00 23.64 ? 24 DG  B N3    1 
ATOM   488 C C4    . DG  B 1 12 ? 1.600   -19.181 1.291   1.00 19.98 ? 24 DG  B C4    1 
HETATM 489 O O     . HOH C 2 .  ? 4.777   4.837   3.439   1.00 33.53 ? 27 HOH A O     1 
HETATM 490 O O     . HOH C 2 .  ? 0.865   -5.616  9.328   1.00 27.96 ? 28 HOH A O     1 
HETATM 491 O O     . HOH C 2 .  ? -10.077 17.330  -0.816  1.00 70.58 ? 30 HOH A O     1 
HETATM 492 O O     . HOH C 2 .  ? -2.243  19.956  -2.343  1.00 35.79 ? 31 HOH A O     1 
HETATM 493 O O     . HOH C 2 .  ? -0.432  -4.184  5.497   1.00 22.53 ? 33 HOH A O     1 
HETATM 494 O O     . HOH C 2 .  ? -9.609  11.890  -5.346  1.00 42.15 ? 34 HOH A O     1 
HETATM 495 O O     . HOH C 2 .  ? 7.817   -8.079  11.497  1.00 43.16 ? 43 HOH A O     1 
HETATM 496 O O     . HOH C 2 .  ? -3.754  9.974   -12.352 1.00 22.44 ? 45 HOH A O     1 
HETATM 497 O O     . HOH C 2 .  ? -4.604  7.741   -12.850 1.00 68.15 ? 48 HOH A O     1 
HETATM 498 O O     . HOH C 2 .  ? 8.558   3.927   -1.272  1.00 43.48 ? 49 HOH A O     1 
HETATM 499 O O     . HOH C 2 .  ? -4.135  7.259   -12.294 1.00 54.64 ? 50 HOH A O     1 
HETATM 500 O O     . HOH C 2 .  ? 4.761   12.167  -4.529  1.00 30.02 ? 51 HOH A O     1 
HETATM 501 O O     . HOH C 2 .  ? -3.490  -7.153  0.875   1.00 33.14 ? 52 HOH A O     1 
HETATM 502 O O     . HOH C 2 .  ? 7.721   -3.461  -6.297  1.00 40.14 ? 53 HOH A O     1 
HETATM 503 O O     . HOH C 2 .  ? -4.295  -13.173 -5.365  1.00 36.16 ? 55 HOH A O     1 
HETATM 504 O O     . HOH C 2 .  ? 5.259   12.483  -7.719  1.00 36.45 ? 57 HOH A O     1 
HETATM 505 O O     . HOH C 2 .  ? 4.704   9.718   -7.763  1.00 44.93 ? 59 HOH A O     1 
HETATM 506 O O     . HOH C 2 .  ? -5.558  -4.083  10.348  1.00 42.46 ? 60 HOH A O     1 
HETATM 507 O O     . HOH C 2 .  ? -7.024  -11.462 -5.942  1.00 47.61 ? 65 HOH A O     1 
HETATM 508 O O     . HOH C 2 .  ? -6.425  15.772  -7.886  1.00 74.02 ? 66 HOH A O     1 
HETATM 509 O O     . HOH C 2 .  ? -4.977  6.760   -9.448  1.00 51.70 ? 68 HOH A O     1 
HETATM 510 O O     . HOH C 2 .  ? 6.880   4.938   -3.450  1.00 43.86 ? 71 HOH A O     1 
HETATM 511 O O     . HOH C 2 .  ? -1.156  -6.968  10.912  1.00 52.71 ? 72 HOH A O     1 
HETATM 512 O O     . HOH C 2 .  ? -3.440  19.257  -4.713  1.00 56.74 ? 74 HOH A O     1 
HETATM 513 O O     . HOH C 2 .  ? -5.598  -9.355  -1.520  1.00 63.02 ? 76 HOH A O     1 
HETATM 514 O O     . HOH C 2 .  ? -2.474  -15.200 -5.337  1.00 55.83 ? 78 HOH A O     1 
HETATM 515 O O     . HOH C 2 .  ? 1.989   12.183  -5.747  1.00 72.53 ? 79 HOH A O     1 
HETATM 516 O O     . HOH C 2 .  ? -3.582  -16.977 -7.943  1.00 39.83 ? 80 HOH A O     1 
HETATM 517 O O     . HOH C 2 .  ? 9.196   -8.575  1.675   1.00 64.29 ? 82 HOH A O     1 
HETATM 518 O O     . HOH C 2 .  ? -0.962  6.198   -12.588 1.00 47.14 ? 84 HOH A O     1 
HETATM 519 O O     . HOH C 2 .  ? 10.788  -4.447  -3.869  1.00 52.65 ? 86 HOH A O     1 
HETATM 520 O O     . HOH C 2 .  ? -17.130 10.945  -7.155  1.00 61.83 ? 93 HOH A O     1 
HETATM 521 O O     . HOH C 2 .  ? 8.510   2.571   0.620   1.00 60.33 ? 94 HOH A O     1 
HETATM 522 O O     . HOH D 2 .  ? 3.500   -1.180  -4.998  1.00 25.96 ? 25 HOH B O     1 
HETATM 523 O O     . HOH D 2 .  ? -10.801 6.719   3.621   1.00 39.60 ? 26 HOH B O     1 
HETATM 524 O O     . HOH D 2 .  ? -3.060  8.031   12.098  1.00 44.81 ? 29 HOH B O     1 
HETATM 525 O O     . HOH D 2 .  ? 7.620   10.973  10.570  1.00 29.84 ? 32 HOH B O     1 
HETATM 526 O O     . HOH D 2 .  ? 3.862   -3.884  -3.052  1.00 37.53 ? 35 HOH B O     1 
HETATM 527 O O     . HOH D 2 .  ? -3.882  -7.806  -6.075  1.00 50.68 ? 36 HOH B O     1 
HETATM 528 O O     . HOH D 2 .  ? -9.981  7.278   -0.068  1.00 28.53 ? 37 HOH B O     1 
HETATM 529 O O     . HOH D 2 .  ? -5.964  9.034   0.342   1.00 37.19 ? 38 HOH B O     1 
HETATM 530 O O     . HOH D 2 .  ? -4.504  7.220   -1.940  1.00 32.46 ? 39 HOH B O     1 
HETATM 531 O O     . HOH D 2 .  ? -0.636  2.470   -6.680  1.00 56.18 ? 40 HOH B O     1 
HETATM 532 O O     . HOH D 2 .  ? 5.156   10.436  6.518   1.00 57.84 ? 41 HOH B O     1 
HETATM 533 O O     . HOH D 2 .  ? -2.522  8.978   15.056  1.00 38.68 ? 42 HOH B O     1 
HETATM 534 O O     . HOH D 2 .  ? 4.641   8.091   1.351   1.00 26.73 ? 44 HOH B O     1 
HETATM 535 O O     . HOH D 2 .  ? -2.133  4.048   -3.880  1.00 37.53 ? 46 HOH B O     1 
HETATM 536 O O     . HOH D 2 .  ? 5.908   10.350  2.767   1.00 46.03 ? 47 HOH B O     1 
HETATM 537 O O     . HOH D 2 .  ? 10.269  -12.109 -5.472  1.00 44.04 ? 54 HOH B O     1 
HETATM 538 O O     . HOH D 2 .  ? -10.587 -0.048  -1.466  1.00 50.91 ? 56 HOH B O     1 
HETATM 539 O O     . HOH D 2 .  ? 5.776   -5.436  -2.925  1.00 54.82 ? 58 HOH B O     1 
HETATM 540 O O     . HOH D 2 .  ? 3.452   7.156   11.357  1.00 41.82 ? 61 HOH B O     1 
HETATM 541 O O     . HOH D 2 .  ? 0.500   0.600   -4.983  1.00 45.01 ? 62 HOH B O     1 
HETATM 542 O O     . HOH D 2 .  ? 1.362   -11.493 -10.258 1.00 66.80 ? 63 HOH B O     1 
HETATM 543 O O     . HOH D 2 .  ? -9.770  6.091   9.420   1.00 46.63 ? 64 HOH B O     1 
HETATM 544 O O     . HOH D 2 .  ? 3.559   5.961   7.207   1.00 87.39 ? 67 HOH B O     1 
HETATM 545 O O     . HOH D 2 .  ? -9.628  -2.055  0.903   1.00 61.11 ? 69 HOH B O     1 
HETATM 546 O O     . HOH D 2 .  ? 11.131  -11.858 -0.926  1.00 44.11 ? 70 HOH B O     1 
HETATM 547 O O     . HOH D 2 .  ? 11.575  -8.559  -0.470  1.00 59.55 ? 73 HOH B O     1 
HETATM 548 O O     . HOH D 2 .  ? -2.040  -6.687  -9.424  1.00 63.39 ? 75 HOH B O     1 
HETATM 549 O O     . HOH D 2 .  ? 12.229  -14.805 0.400   1.00 52.15 ? 77 HOH B O     1 
HETATM 550 O O     . HOH D 2 .  ? -2.596  -5.098  -11.626 1.00 61.33 ? 81 HOH B O     1 
HETATM 551 O O     . HOH D 2 .  ? -6.423  -7.974  -4.749  1.00 56.98 ? 83 HOH B O     1 
HETATM 552 O O     . HOH D 2 .  ? -6.868  -3.005  -8.192  1.00 48.73 ? 85 HOH B O     1 
HETATM 553 O O     . HOH D 2 .  ? -6.687  8.605   -3.415  1.00 57.75 ? 87 HOH B O     1 
HETATM 554 O O     . HOH D 2 .  ? 1.708   4.220   9.053   1.00 77.25 ? 88 HOH B O     1 
HETATM 555 O O     . HOH D 2 .  ? -2.481  -9.042  -8.331  1.00 59.61 ? 89 HOH B O     1 
HETATM 556 O O     . HOH D 2 .  ? -8.197  -4.856  -5.783  1.00 55.56 ? 90 HOH B O     1 
HETATM 557 O O     . HOH D 2 .  ? 4.758   11.511  12.816  1.00 63.42 ? 91 HOH B O     1 
HETATM 558 O O     . HOH D 2 .  ? 8.677   -6.159  -2.324  1.00 55.33 ? 92 HOH B O     1 
HETATM 559 O O     . HOH D 2 .  ? 5.547   -9.595  0.037   1.00 68.42 ? 95 HOH B O     1 
# 
